data_9QEN
#
_entry.id   9QEN
#
_cell.length_a   1.00
_cell.length_b   1.00
_cell.length_c   1.00
_cell.angle_alpha   90.00
_cell.angle_beta   90.00
_cell.angle_gamma   90.00
#
_symmetry.space_group_name_H-M   'P 1'
#
_entity_poly.entity_id   1
_entity_poly.type   'polypeptide(L)'
_entity_poly.pdbx_seq_one_letter_code
;GPLGSEERESELSSNPAASAGASLEPPAAPAPGEDNPAGAGGAAVAGAAGGARRFLCGVVEGFYGRPWVMEQRKELFRRL
QKWELNTYLYAPKDDYKHRMFWREMYSVEEAEQLMTLISAAREYEIEFIYAISPGLDITFSNPKEVSTLKRKLDQVSQFG
CRSFALLFDDIDHNMCAADKEVFSSFAHAQVSITNEIYQYLGEPETFLFCPTEYCGTFCYPNVSQSPYLRTVGEKLLPGI
EVLWTGPKVVSKEIPVESIEEVSKIIKRAPVIWDNIHANDYDQKRLFLGPYKGRSTELIPRLKGVLTNPNCEFEANYVAI
HTLATWYKSNMNGVRKDVVMTDSEDSTVSIQIKLENEGSDEDIETDVLYSPQMALKLALTEWLQEFGVPHQYSSRQVAHS
GAKASVVDGTPLVAAGGGGSGGGGSVTLEDLQLLADLFYLPYEHGPKGAQMLREFQWLRANSSVVSVNCKGKDSEKIEEW
RSRAAKFEEMCGLVMGMFTRLSNCANRTILYDMYSYVWDIKSIMSMVKSFVQWLGCRSHSSAQFLIGDQEPWAFRGGLAG
EFQRLLPIDGANDLFFQPPPLTPTSKVYTIRPYFPKDEASVYKICREMYDDGVGLPFQSQPDLIGDKLVGGLLSLSLDYC
FVLEDEDGICGYALGTVDVTPFIKKCKISWIPFMQEKYTKPNGDKELSEAEKIMLSFHEEQEVLPETFLANFPSLIKMDI
HKKVTDPSVAKSMMACLLSSLKANGSRGAFCEVRPDDKRILEFYSKLGCFEIAKMEGFPKDVVILGRSL
;
_entity_poly.pdbx_strand_id   A,B
#
# COMPACT_ATOMS: atom_id res chain seq x y z
N ARG A 54 -18.77 -33.46 8.39
CA ARG A 54 -18.87 -32.03 8.11
C ARG A 54 -17.60 -31.31 8.53
N PHE A 55 -16.92 -30.68 7.57
CA PHE A 55 -15.71 -29.93 7.83
C PHE A 55 -15.81 -28.56 7.18
N LEU A 56 -15.45 -27.52 7.93
CA LEU A 56 -15.58 -26.13 7.47
C LEU A 56 -14.25 -25.64 6.90
N CYS A 57 -13.98 -26.02 5.66
CA CYS A 57 -12.75 -25.58 5.00
C CYS A 57 -13.09 -24.43 4.06
N GLY A 58 -12.56 -23.25 4.35
CA GLY A 58 -12.90 -22.09 3.56
C GLY A 58 -12.04 -20.90 3.89
N VAL A 59 -12.54 -19.72 3.52
CA VAL A 59 -11.81 -18.46 3.63
C VAL A 59 -12.58 -17.52 4.54
N VAL A 60 -11.95 -17.03 5.56
CA VAL A 60 -12.53 -15.97 6.36
C VAL A 60 -11.90 -14.65 5.94
N GLU A 61 -12.73 -13.71 5.54
CA GLU A 61 -12.34 -12.32 5.44
C GLU A 61 -12.31 -11.81 6.86
N GLY A 62 -11.13 -11.45 7.36
CA GLY A 62 -11.01 -11.09 8.76
C GLY A 62 -9.96 -10.04 9.10
N PHE A 63 -9.49 -9.30 8.11
CA PHE A 63 -8.38 -8.38 8.31
C PHE A 63 -8.88 -6.99 8.67
N TYR A 64 -7.95 -6.07 8.87
CA TYR A 64 -8.26 -4.67 9.14
C TYR A 64 -8.02 -3.83 7.90
N GLY A 65 -9.05 -3.09 7.49
CA GLY A 65 -8.88 -2.07 6.47
C GLY A 65 -8.97 -2.60 5.06
N ARG A 66 -9.64 -1.82 4.19
CA ARG A 66 -10.00 -2.12 2.80
C ARG A 66 -10.72 -3.46 2.70
N PRO A 67 -12.00 -3.54 3.05
CA PRO A 67 -12.75 -4.76 2.78
C PRO A 67 -12.97 -4.94 1.28
N TRP A 68 -13.16 -6.18 0.88
CA TRP A 68 -13.31 -6.51 -0.52
C TRP A 68 -14.67 -6.05 -1.03
N VAL A 69 -14.80 -6.03 -2.35
CA VAL A 69 -16.04 -5.64 -2.99
C VAL A 69 -16.79 -6.92 -3.36
N MET A 70 -18.06 -6.77 -3.74
CA MET A 70 -18.94 -7.91 -3.94
C MET A 70 -18.57 -8.71 -5.18
N GLU A 71 -17.99 -8.04 -6.19
CA GLU A 71 -17.50 -8.75 -7.36
C GLU A 71 -16.30 -9.62 -7.02
N GLN A 72 -15.43 -9.12 -6.13
CA GLN A 72 -14.30 -9.90 -5.64
C GLN A 72 -14.76 -11.11 -4.83
N ARG A 73 -15.81 -10.96 -4.04
CA ARG A 73 -16.30 -12.11 -3.27
C ARG A 73 -17.05 -13.10 -4.16
N LYS A 74 -17.70 -12.64 -5.23
CA LYS A 74 -18.29 -13.57 -6.19
C LYS A 74 -17.23 -14.34 -6.96
N GLU A 75 -16.13 -13.67 -7.30
CA GLU A 75 -14.99 -14.36 -7.89
C GLU A 75 -14.35 -15.32 -6.91
N LEU A 76 -14.36 -14.97 -5.62
CA LEU A 76 -13.90 -15.88 -4.57
C LEU A 76 -14.77 -17.11 -4.47
N PHE A 77 -16.10 -16.93 -4.58
CA PHE A 77 -17.02 -18.06 -4.54
C PHE A 77 -16.88 -18.95 -5.76
N ARG A 78 -16.55 -18.34 -6.90
CA ARG A 78 -16.19 -19.13 -8.08
C ARG A 78 -14.89 -19.89 -7.85
N ARG A 79 -13.93 -19.27 -7.17
CA ARG A 79 -12.63 -19.89 -6.96
C ARG A 79 -12.69 -21.04 -5.97
N LEU A 80 -13.52 -20.93 -4.94
CA LEU A 80 -13.67 -21.99 -3.96
C LEU A 80 -14.38 -23.20 -4.53
N GLN A 81 -15.35 -22.97 -5.42
CA GLN A 81 -16.12 -24.07 -5.99
C GLN A 81 -15.27 -24.89 -6.97
N LYS A 82 -14.31 -24.26 -7.63
CA LYS A 82 -13.38 -25.00 -8.47
C LYS A 82 -12.39 -25.80 -7.65
N TRP A 83 -12.17 -25.43 -6.39
CA TRP A 83 -11.17 -26.06 -5.54
C TRP A 83 -11.78 -26.91 -4.45
N GLU A 84 -13.09 -27.18 -4.54
CA GLU A 84 -13.86 -28.08 -3.66
C GLU A 84 -13.83 -27.64 -2.19
N LEU A 85 -13.70 -26.33 -1.95
CA LEU A 85 -13.87 -25.81 -0.61
C LEU A 85 -15.31 -25.38 -0.42
N ASN A 86 -15.72 -25.20 0.83
CA ASN A 86 -17.15 -25.20 1.11
C ASN A 86 -17.62 -24.15 2.10
N THR A 87 -16.81 -23.17 2.47
CA THR A 87 -17.26 -22.17 3.43
C THR A 87 -16.67 -20.82 3.13
N TYR A 88 -17.28 -19.80 3.71
CA TYR A 88 -16.78 -18.43 3.65
C TYR A 88 -17.32 -17.71 4.87
N LEU A 89 -16.44 -17.09 5.64
CA LEU A 89 -16.84 -16.39 6.85
C LEU A 89 -16.64 -14.89 6.64
N TYR A 90 -17.74 -14.16 6.59
CA TYR A 90 -17.71 -12.72 6.40
C TYR A 90 -17.54 -12.06 7.75
N ALA A 91 -16.36 -11.51 8.02
CA ALA A 91 -16.13 -10.67 9.19
C ALA A 91 -15.03 -9.64 8.95
N PRO A 92 -15.30 -8.62 8.13
CA PRO A 92 -14.26 -7.60 7.93
C PRO A 92 -14.27 -6.61 9.08
N LYS A 93 -13.09 -6.36 9.65
CA LYS A 93 -12.99 -5.60 10.90
C LYS A 93 -13.21 -4.11 10.70
N ASP A 94 -13.06 -3.60 9.49
CA ASP A 94 -13.21 -2.18 9.26
C ASP A 94 -14.41 -1.85 8.39
N ASP A 95 -15.28 -2.81 8.12
CA ASP A 95 -16.58 -2.47 7.57
C ASP A 95 -17.44 -1.88 8.67
N TYR A 96 -17.96 -0.67 8.43
CA TYR A 96 -18.53 0.10 9.52
C TYR A 96 -19.94 -0.36 9.92
N LYS A 97 -20.55 -1.24 9.14
CA LYS A 97 -21.82 -1.86 9.52
C LYS A 97 -21.61 -3.17 10.25
N HIS A 98 -20.37 -3.53 10.53
CA HIS A 98 -20.04 -4.84 11.09
C HIS A 98 -19.40 -4.73 12.46
N ARG A 99 -18.48 -3.79 12.67
CA ARG A 99 -17.73 -3.71 13.91
C ARG A 99 -17.88 -2.39 14.63
N MET A 100 -17.59 -1.28 13.95
CA MET A 100 -17.59 0.03 14.63
C MET A 100 -19.01 0.50 14.91
N PHE A 101 -19.96 0.10 14.06
CA PHE A 101 -21.36 0.30 14.35
C PHE A 101 -22.08 -0.99 13.99
N TRP A 102 -22.55 -1.70 15.00
CA TRP A 102 -23.29 -2.93 14.78
C TRP A 102 -24.76 -2.80 15.06
N ARG A 103 -25.18 -1.78 15.80
CA ARG A 103 -26.59 -1.50 15.98
C ARG A 103 -27.24 -0.93 14.73
N GLU A 104 -26.46 -0.29 13.87
CA GLU A 104 -27.01 0.34 12.69
C GLU A 104 -27.38 -0.70 11.64
N MET A 105 -28.56 -0.54 11.07
CA MET A 105 -29.09 -1.46 10.08
C MET A 105 -28.74 -1.00 8.68
N TYR A 106 -28.77 -1.94 7.74
CA TYR A 106 -28.41 -1.69 6.36
C TYR A 106 -29.46 -0.83 5.65
N SER A 107 -29.04 -0.23 4.55
CA SER A 107 -29.94 0.48 3.67
C SER A 107 -30.56 -0.53 2.69
N VAL A 108 -31.34 -0.04 1.73
CA VAL A 108 -31.97 -0.93 0.75
C VAL A 108 -30.93 -1.48 -0.22
N GLU A 109 -29.98 -0.64 -0.64
CA GLU A 109 -28.95 -1.08 -1.57
C GLU A 109 -27.94 -2.00 -0.89
N GLU A 110 -27.65 -1.78 0.40
CA GLU A 110 -26.76 -2.67 1.14
C GLU A 110 -27.42 -4.02 1.35
N ALA A 111 -28.72 -4.03 1.64
CA ALA A 111 -29.48 -5.26 1.74
C ALA A 111 -29.56 -5.98 0.41
N GLU A 112 -29.65 -5.23 -0.69
CA GLU A 112 -29.69 -5.83 -2.02
C GLU A 112 -28.37 -6.47 -2.39
N GLN A 113 -27.25 -5.80 -2.11
CA GLN A 113 -25.96 -6.37 -2.46
C GLN A 113 -25.58 -7.51 -1.52
N LEU A 114 -26.02 -7.46 -0.26
CA LEU A 114 -25.83 -8.61 0.62
C LEU A 114 -26.71 -9.78 0.22
N MET A 115 -27.94 -9.50 -0.23
CA MET A 115 -28.86 -10.54 -0.66
C MET A 115 -28.36 -11.24 -1.91
N THR A 116 -27.82 -10.48 -2.87
CA THR A 116 -27.24 -11.13 -4.04
C THR A 116 -25.88 -11.74 -3.73
N LEU A 117 -25.19 -11.31 -2.67
CA LEU A 117 -23.98 -11.98 -2.22
C LEU A 117 -24.29 -13.36 -1.67
N ILE A 118 -25.30 -13.45 -0.82
CA ILE A 118 -25.76 -14.73 -0.27
C ILE A 118 -26.36 -15.61 -1.36
N SER A 119 -27.04 -15.00 -2.35
CA SER A 119 -27.59 -15.75 -3.46
C SER A 119 -26.49 -16.28 -4.39
N ALA A 120 -25.42 -15.50 -4.57
CA ALA A 120 -24.27 -15.99 -5.32
C ALA A 120 -23.52 -17.07 -4.57
N ALA A 121 -23.49 -16.98 -3.24
CA ALA A 121 -22.89 -18.03 -2.43
C ALA A 121 -23.70 -19.31 -2.51
N ARG A 122 -25.02 -19.22 -2.44
CA ARG A 122 -25.87 -20.40 -2.51
C ARG A 122 -25.92 -20.96 -3.92
N GLU A 123 -25.69 -20.12 -4.92
CA GLU A 123 -25.50 -20.59 -6.28
C GLU A 123 -24.23 -21.41 -6.42
N TYR A 124 -23.17 -20.98 -5.73
CA TYR A 124 -21.85 -21.59 -5.88
C TYR A 124 -21.52 -22.61 -4.80
N GLU A 125 -22.53 -23.04 -4.02
CA GLU A 125 -22.44 -24.08 -2.98
C GLU A 125 -21.42 -23.74 -1.89
N ILE A 126 -21.35 -22.47 -1.53
CA ILE A 126 -20.46 -21.96 -0.50
C ILE A 126 -21.31 -21.46 0.66
N GLU A 127 -21.05 -22.00 1.85
CA GLU A 127 -21.84 -21.65 3.02
C GLU A 127 -21.42 -20.27 3.51
N PHE A 128 -22.22 -19.26 3.19
CA PHE A 128 -21.98 -17.91 3.67
C PHE A 128 -22.30 -17.88 5.16
N ILE A 129 -21.35 -17.39 5.95
CA ILE A 129 -21.50 -17.27 7.39
C ILE A 129 -21.37 -15.80 7.73
N TYR A 130 -22.49 -15.15 8.00
CA TYR A 130 -22.44 -13.76 8.45
C TYR A 130 -22.01 -13.74 9.91
N ALA A 131 -20.82 -13.22 10.16
CA ALA A 131 -20.38 -12.96 11.52
C ALA A 131 -20.70 -11.53 11.90
N ILE A 132 -20.68 -11.27 13.21
CA ILE A 132 -20.95 -9.93 13.71
C ILE A 132 -20.17 -9.75 15.02
N SER A 133 -19.40 -8.67 15.11
CA SER A 133 -18.53 -8.49 16.26
C SER A 133 -18.97 -7.27 17.05
N PRO A 134 -19.71 -7.45 18.16
CA PRO A 134 -20.20 -6.30 18.92
C PRO A 134 -19.32 -5.85 20.08
N GLY A 135 -18.17 -6.48 20.27
CA GLY A 135 -17.48 -6.49 21.56
C GLY A 135 -16.79 -5.19 21.95
N LEU A 136 -16.73 -4.20 21.06
CA LEU A 136 -16.09 -2.94 21.41
C LEU A 136 -16.91 -2.14 22.41
N ASP A 137 -18.23 -2.15 22.26
CA ASP A 137 -19.11 -1.44 23.19
C ASP A 137 -20.42 -2.21 23.26
N ILE A 138 -20.61 -2.97 24.33
CA ILE A 138 -21.82 -3.75 24.52
C ILE A 138 -22.01 -3.97 26.01
N THR A 139 -23.23 -3.73 26.49
CA THR A 139 -23.62 -4.09 27.85
C THR A 139 -24.37 -5.41 27.76
N PHE A 140 -23.71 -6.49 28.18
CA PHE A 140 -24.32 -7.82 28.11
C PHE A 140 -25.44 -7.97 29.12
N SER A 141 -25.35 -7.26 30.25
CA SER A 141 -26.39 -7.33 31.27
C SER A 141 -27.65 -6.61 30.83
N ASN A 142 -27.52 -5.57 30.01
CA ASN A 142 -28.67 -4.84 29.51
C ASN A 142 -29.34 -5.63 28.39
N PRO A 143 -30.62 -5.97 28.52
CA PRO A 143 -31.29 -6.72 27.44
C PRO A 143 -31.67 -5.87 26.23
N LYS A 144 -31.50 -4.55 26.29
CA LYS A 144 -31.76 -3.72 25.13
C LYS A 144 -30.71 -3.94 24.06
N GLU A 145 -29.45 -4.10 24.45
CA GLU A 145 -28.38 -4.41 23.50
C GLU A 145 -28.57 -5.82 22.94
N VAL A 146 -29.08 -6.74 23.77
CA VAL A 146 -29.39 -8.10 23.33
C VAL A 146 -30.52 -8.09 22.32
N SER A 147 -31.54 -7.26 22.53
CA SER A 147 -32.66 -7.19 21.60
C SER A 147 -32.29 -6.46 20.31
N THR A 148 -31.40 -5.48 20.39
CA THR A 148 -30.89 -4.82 19.19
C THR A 148 -30.04 -5.77 18.34
N LEU A 149 -29.22 -6.59 19.01
CA LEU A 149 -28.48 -7.66 18.34
C LEU A 149 -29.43 -8.70 17.74
N LYS A 150 -30.53 -8.99 18.43
CA LYS A 150 -31.55 -9.88 17.90
C LYS A 150 -32.22 -9.30 16.67
N ARG A 151 -32.46 -7.98 16.65
CA ARG A 151 -33.04 -7.31 15.49
C ARG A 151 -32.11 -7.35 14.29
N LYS A 152 -30.81 -7.11 14.52
CA LYS A 152 -29.83 -7.14 13.44
C LYS A 152 -29.65 -8.55 12.88
N LEU A 153 -29.58 -9.55 13.76
CA LEU A 153 -29.50 -10.94 13.30
C LEU A 153 -30.80 -11.42 12.68
N ASP A 154 -31.95 -10.84 13.05
CA ASP A 154 -33.20 -11.15 12.39
C ASP A 154 -33.28 -10.55 11.00
N GLN A 155 -32.77 -9.32 10.83
CA GLN A 155 -32.77 -8.70 9.52
C GLN A 155 -31.78 -9.37 8.58
N VAL A 156 -30.68 -9.89 9.11
CA VAL A 156 -29.78 -10.66 8.24
C VAL A 156 -30.27 -12.10 8.06
N SER A 157 -31.22 -12.55 8.88
CA SER A 157 -31.84 -13.85 8.64
C SER A 157 -32.73 -13.82 7.41
N GLN A 158 -33.37 -12.68 7.13
CA GLN A 158 -34.28 -12.55 6.02
C GLN A 158 -33.57 -12.44 4.67
N PHE A 159 -32.25 -12.26 4.67
CA PHE A 159 -31.51 -12.16 3.41
C PHE A 159 -31.07 -13.52 2.89
N GLY A 160 -31.51 -14.60 3.52
CA GLY A 160 -31.16 -15.94 3.09
C GLY A 160 -30.06 -16.60 3.88
N CYS A 161 -29.60 -15.97 4.96
CA CYS A 161 -28.53 -16.55 5.76
C CYS A 161 -29.05 -17.67 6.64
N ARG A 162 -28.35 -18.80 6.62
CA ARG A 162 -28.61 -19.89 7.55
C ARG A 162 -27.52 -20.03 8.61
N SER A 163 -26.27 -19.88 8.21
CA SER A 163 -25.15 -19.95 9.13
C SER A 163 -24.88 -18.55 9.67
N PHE A 164 -24.54 -18.47 10.94
CA PHE A 164 -24.25 -17.20 11.59
C PHE A 164 -23.05 -17.40 12.49
N ALA A 165 -22.51 -16.28 12.97
CA ALA A 165 -21.40 -16.30 13.92
C ALA A 165 -21.44 -15.02 14.71
N LEU A 166 -20.86 -15.05 15.91
CA LEU A 166 -20.59 -13.83 16.63
C LEU A 166 -19.18 -13.87 17.18
N LEU A 167 -18.47 -12.76 17.04
CA LEU A 167 -17.03 -12.71 17.20
C LEU A 167 -16.70 -11.78 18.35
N PHE A 168 -15.80 -12.22 19.22
CA PHE A 168 -15.34 -11.41 20.34
C PHE A 168 -13.82 -11.40 20.31
N ASP A 169 -13.24 -10.43 19.59
CA ASP A 169 -11.81 -10.38 19.36
C ASP A 169 -11.28 -8.98 19.61
N ASP A 170 -10.02 -8.94 20.08
CA ASP A 170 -9.19 -7.73 20.18
C ASP A 170 -9.82 -6.67 21.08
N ILE A 171 -10.46 -7.11 22.14
CA ILE A 171 -11.10 -6.22 23.08
C ILE A 171 -10.48 -6.43 24.46
N ASP A 172 -10.53 -5.40 25.28
CA ASP A 172 -9.99 -5.46 26.62
C ASP A 172 -10.88 -6.34 27.51
N HIS A 173 -10.25 -6.92 28.52
CA HIS A 173 -10.95 -7.86 29.38
C HIS A 173 -11.81 -7.20 30.43
N ASN A 174 -11.65 -5.90 30.66
CA ASN A 174 -12.51 -5.20 31.60
C ASN A 174 -13.87 -4.96 30.98
N MET A 175 -14.90 -5.11 31.81
CA MET A 175 -16.29 -4.98 31.41
C MET A 175 -16.86 -3.68 31.97
N CYS A 176 -18.16 -3.51 31.82
CA CYS A 176 -18.83 -2.34 32.37
C CYS A 176 -19.09 -2.55 33.86
N ALA A 177 -19.63 -1.51 34.50
CA ALA A 177 -20.00 -1.62 35.91
C ALA A 177 -21.20 -2.53 36.11
N ALA A 178 -22.19 -2.42 35.21
CA ALA A 178 -23.36 -3.29 35.29
C ALA A 178 -23.02 -4.71 34.88
N ASP A 179 -22.05 -4.89 33.97
CA ASP A 179 -21.64 -6.22 33.57
C ASP A 179 -20.87 -6.93 34.69
N LYS A 180 -20.03 -6.19 35.40
CA LYS A 180 -19.34 -6.75 36.57
C LYS A 180 -20.31 -6.96 37.73
N GLU A 181 -21.35 -6.13 37.81
CA GLU A 181 -22.33 -6.28 38.88
C GLU A 181 -23.21 -7.50 38.66
N VAL A 182 -23.67 -7.71 37.42
CA VAL A 182 -24.61 -8.78 37.14
C VAL A 182 -23.89 -10.12 37.04
N PHE A 183 -22.85 -10.19 36.21
CA PHE A 183 -22.22 -11.47 35.94
C PHE A 183 -20.83 -11.54 36.56
N SER A 184 -20.38 -12.78 36.78
CA SER A 184 -19.16 -13.01 37.56
C SER A 184 -17.91 -12.67 36.76
N SER A 185 -17.83 -13.13 35.51
CA SER A 185 -16.64 -12.92 34.71
C SER A 185 -17.05 -12.61 33.27
N PHE A 186 -16.04 -12.34 32.44
CA PHE A 186 -16.24 -11.99 31.04
C PHE A 186 -16.81 -13.17 30.25
N ALA A 187 -16.28 -14.37 30.52
CA ALA A 187 -16.62 -15.53 29.72
C ALA A 187 -18.05 -16.02 30.01
N HIS A 188 -18.54 -15.83 31.23
CA HIS A 188 -19.91 -16.19 31.56
C HIS A 188 -20.91 -15.32 30.81
N ALA A 189 -20.64 -14.02 30.74
CA ALA A 189 -21.50 -13.10 30.02
C ALA A 189 -21.46 -13.35 28.53
N GLN A 190 -20.27 -13.62 27.99
CA GLN A 190 -20.14 -13.92 26.56
C GLN A 190 -20.79 -15.24 26.19
N VAL A 191 -20.68 -16.25 27.05
CA VAL A 191 -21.29 -17.54 26.72
C VAL A 191 -22.81 -17.48 26.93
N SER A 192 -23.29 -16.57 27.78
CA SER A 192 -24.74 -16.38 27.90
C SER A 192 -25.30 -15.65 26.70
N ILE A 193 -24.53 -14.70 26.17
CA ILE A 193 -24.93 -14.00 24.93
C ILE A 193 -24.93 -14.96 23.75
N THR A 194 -23.92 -15.82 23.64
CA THR A 194 -23.84 -16.80 22.55
C THR A 194 -24.94 -17.84 22.65
N ASN A 195 -25.25 -18.31 23.86
CA ASN A 195 -26.33 -19.27 24.05
C ASN A 195 -27.70 -18.63 23.78
N GLU A 196 -27.85 -17.34 24.13
CA GLU A 196 -29.11 -16.65 23.88
C GLU A 196 -29.34 -16.41 22.39
N ILE A 197 -28.29 -16.05 21.66
CA ILE A 197 -28.40 -15.86 20.22
C ILE A 197 -28.59 -17.19 19.51
N TYR A 198 -27.96 -18.26 20.03
CA TYR A 198 -28.11 -19.59 19.45
C TYR A 198 -29.51 -20.14 19.67
N GLN A 199 -30.12 -19.85 20.83
CA GLN A 199 -31.50 -20.26 21.04
C GLN A 199 -32.47 -19.37 20.28
N TYR A 200 -32.10 -18.11 20.03
CA TYR A 200 -33.00 -17.18 19.38
C TYR A 200 -33.14 -17.45 17.89
N LEU A 201 -32.11 -17.98 17.26
CA LEU A 201 -32.14 -18.27 15.84
C LEU A 201 -32.55 -19.71 15.55
N GLY A 202 -33.00 -20.44 16.56
CA GLY A 202 -33.50 -21.78 16.33
C GLY A 202 -32.42 -22.81 16.12
N GLU A 203 -31.24 -22.63 16.73
CA GLU A 203 -30.05 -23.48 16.69
C GLU A 203 -29.61 -23.80 15.27
N PRO A 204 -28.90 -22.87 14.59
CA PRO A 204 -28.44 -23.14 13.22
C PRO A 204 -27.41 -24.24 13.17
N GLU A 205 -27.22 -24.74 11.95
CA GLU A 205 -26.38 -25.92 11.72
C GLU A 205 -24.91 -25.63 11.99
N THR A 206 -24.45 -24.44 11.60
CA THR A 206 -23.06 -24.05 11.83
C THR A 206 -23.06 -22.66 12.45
N PHE A 207 -22.77 -22.60 13.75
CA PHE A 207 -22.67 -21.34 14.49
C PHE A 207 -21.26 -21.27 15.07
N LEU A 208 -20.61 -20.12 14.96
CA LEU A 208 -19.21 -19.97 15.31
C LEU A 208 -19.03 -18.89 16.37
N PHE A 209 -18.16 -19.15 17.33
CA PHE A 209 -17.95 -18.27 18.47
C PHE A 209 -16.44 -18.09 18.67
N CYS A 210 -15.97 -16.87 18.51
CA CYS A 210 -14.54 -16.70 18.76
C CYS A 210 -14.31 -16.04 20.10
N PRO A 211 -13.55 -16.67 20.99
CA PRO A 211 -13.32 -16.11 22.32
C PRO A 211 -12.29 -14.99 22.31
N THR A 212 -12.24 -14.26 23.41
CA THR A 212 -11.28 -13.16 23.53
C THR A 212 -9.86 -13.68 23.70
N GLU A 213 -9.70 -14.77 24.43
CA GLU A 213 -8.40 -15.44 24.54
C GLU A 213 -8.36 -16.55 23.50
N TYR A 214 -8.20 -16.13 22.25
CA TYR A 214 -8.30 -17.01 21.11
C TYR A 214 -6.95 -17.58 20.68
N CYS A 215 -5.90 -17.35 21.45
CA CYS A 215 -4.59 -17.93 21.13
C CYS A 215 -3.83 -18.16 22.43
N GLY A 216 -2.65 -18.76 22.31
CA GLY A 216 -1.91 -19.19 23.49
C GLY A 216 -1.27 -18.04 24.25
N THR A 217 -0.85 -16.98 23.55
CA THR A 217 -0.29 -15.85 24.26
C THR A 217 -1.37 -15.00 24.93
N PHE A 218 -2.57 -14.99 24.37
CA PHE A 218 -3.63 -14.15 24.93
C PHE A 218 -4.26 -14.76 26.17
N CYS A 219 -4.17 -16.08 26.35
CA CYS A 219 -4.73 -16.73 27.51
C CYS A 219 -3.67 -16.85 28.60
N TYR A 220 -4.12 -16.68 29.84
CA TYR A 220 -3.21 -16.74 30.98
C TYR A 220 -3.85 -17.63 32.03
N PRO A 221 -3.04 -18.39 32.80
CA PRO A 221 -1.58 -18.56 32.72
C PRO A 221 -1.18 -19.57 31.66
N ASN A 222 -2.12 -20.37 31.19
CA ASN A 222 -1.85 -21.40 30.20
C ASN A 222 -3.13 -21.65 29.42
N VAL A 223 -3.09 -22.62 28.51
CA VAL A 223 -4.30 -23.02 27.79
C VAL A 223 -5.19 -23.95 28.59
N SER A 224 -4.69 -24.50 29.70
CA SER A 224 -5.46 -25.43 30.52
C SER A 224 -5.82 -24.86 31.88
N GLN A 225 -4.99 -24.02 32.46
CA GLN A 225 -5.27 -23.41 33.76
C GLN A 225 -6.00 -22.09 33.65
N SER A 226 -6.37 -21.67 32.45
CA SER A 226 -7.10 -20.43 32.29
C SER A 226 -8.55 -20.62 32.73
N PRO A 227 -9.10 -19.72 33.54
CA PRO A 227 -10.52 -19.82 33.89
C PRO A 227 -11.45 -19.50 32.74
N TYR A 228 -10.97 -18.72 31.76
CA TYR A 228 -11.77 -18.32 30.61
C TYR A 228 -12.13 -19.51 29.74
N LEU A 229 -11.13 -20.32 29.39
CA LEU A 229 -11.37 -21.48 28.55
C LEU A 229 -12.11 -22.57 29.30
N ARG A 230 -11.97 -22.61 30.63
CA ARG A 230 -12.74 -23.53 31.44
C ARG A 230 -14.22 -23.16 31.45
N THR A 231 -14.53 -21.86 31.59
CA THR A 231 -15.91 -21.38 31.53
C THR A 231 -16.52 -21.60 30.15
N VAL A 232 -15.72 -21.36 29.10
CA VAL A 232 -16.15 -21.55 27.72
C VAL A 232 -16.40 -23.03 27.44
N GLY A 233 -15.53 -23.91 27.95
CA GLY A 233 -15.72 -25.32 27.73
C GLY A 233 -16.84 -25.93 28.55
N GLU A 234 -17.16 -25.33 29.70
CA GLU A 234 -18.23 -25.89 30.50
C GLU A 234 -19.59 -25.39 30.04
N LYS A 235 -19.76 -24.08 29.90
CA LYS A 235 -21.10 -23.50 29.84
C LYS A 235 -21.61 -23.28 28.42
N LEU A 236 -21.10 -24.00 27.43
CA LEU A 236 -21.46 -23.77 26.03
C LEU A 236 -22.29 -24.92 25.49
N LEU A 237 -23.25 -24.59 24.63
CA LEU A 237 -24.03 -25.60 23.96
C LEU A 237 -23.18 -26.35 22.94
N PRO A 238 -23.33 -27.67 22.81
CA PRO A 238 -22.34 -28.47 22.07
C PRO A 238 -22.40 -28.32 20.56
N GLY A 239 -23.46 -27.72 20.02
CA GLY A 239 -23.51 -27.48 18.58
C GLY A 239 -22.77 -26.26 18.13
N ILE A 240 -22.26 -25.46 19.05
CA ILE A 240 -21.56 -24.23 18.73
C ILE A 240 -20.08 -24.52 18.60
N GLU A 241 -19.53 -24.31 17.42
CA GLU A 241 -18.10 -24.48 17.22
C GLU A 241 -17.36 -23.25 17.69
N VAL A 242 -16.19 -23.45 18.27
CA VAL A 242 -15.38 -22.37 18.76
C VAL A 242 -14.30 -22.06 17.73
N LEU A 243 -13.71 -20.89 17.82
CA LEU A 243 -12.60 -20.52 16.97
C LEU A 243 -11.34 -20.45 17.80
N TRP A 244 -10.21 -20.63 17.12
CA TRP A 244 -8.91 -20.72 17.76
C TRP A 244 -7.88 -20.33 16.73
N THR A 245 -6.71 -19.89 17.18
CA THR A 245 -5.69 -19.46 16.24
C THR A 245 -4.45 -20.33 16.30
N GLY A 246 -3.98 -20.66 17.49
CA GLY A 246 -2.78 -21.43 17.66
C GLY A 246 -2.09 -20.98 18.92
N PRO A 247 -0.78 -21.21 19.01
CA PRO A 247 -0.03 -20.69 20.16
C PRO A 247 0.14 -19.18 20.13
N LYS A 248 0.05 -18.54 18.97
CA LYS A 248 0.13 -17.09 18.86
C LYS A 248 -1.03 -16.59 18.01
N VAL A 249 -1.10 -15.27 17.84
CA VAL A 249 -2.01 -14.69 16.86
C VAL A 249 -1.53 -15.00 15.45
N VAL A 250 -0.24 -15.14 15.27
CA VAL A 250 0.36 -15.58 14.02
C VAL A 250 1.23 -16.78 14.35
N SER A 251 0.76 -17.96 13.98
CA SER A 251 1.40 -19.19 14.43
C SER A 251 2.38 -19.67 13.37
N LYS A 252 3.63 -19.89 13.77
CA LYS A 252 4.58 -20.58 12.91
C LYS A 252 4.13 -22.02 12.68
N GLU A 253 3.67 -22.67 13.75
CA GLU A 253 3.15 -24.02 13.64
C GLU A 253 1.97 -24.17 14.59
N ILE A 254 1.00 -24.98 14.17
CA ILE A 254 -0.07 -25.43 15.05
C ILE A 254 0.18 -26.91 15.28
N PRO A 255 0.85 -27.29 16.36
CA PRO A 255 1.15 -28.70 16.59
C PRO A 255 -0.08 -29.47 17.05
N VAL A 256 0.05 -30.80 17.00
CA VAL A 256 -1.07 -31.69 17.30
C VAL A 256 -1.42 -31.64 18.79
N GLU A 257 -0.41 -31.51 19.64
CA GLU A 257 -0.64 -31.56 21.09
C GLU A 257 -1.32 -30.31 21.61
N SER A 258 -1.09 -29.15 20.99
CA SER A 258 -1.80 -27.93 21.39
C SER A 258 -3.27 -28.01 21.00
N ILE A 259 -3.55 -28.62 19.85
CA ILE A 259 -4.91 -28.87 19.40
C ILE A 259 -5.61 -29.85 20.34
N GLU A 260 -4.90 -30.90 20.78
CA GLU A 260 -5.49 -31.88 21.69
C GLU A 260 -5.73 -31.31 23.08
N GLU A 261 -4.82 -30.47 23.59
CA GLU A 261 -5.07 -29.89 24.90
C GLU A 261 -6.14 -28.80 24.86
N VAL A 262 -6.29 -28.09 23.73
CA VAL A 262 -7.39 -27.14 23.69
C VAL A 262 -8.71 -27.86 23.39
N SER A 263 -8.67 -29.04 22.76
CA SER A 263 -9.87 -29.86 22.65
C SER A 263 -10.24 -30.50 23.97
N LYS A 264 -9.26 -30.70 24.86
CA LYS A 264 -9.58 -31.05 26.24
C LYS A 264 -10.25 -29.88 26.95
N ILE A 265 -9.72 -28.67 26.80
CA ILE A 265 -10.19 -27.57 27.62
C ILE A 265 -11.51 -26.96 27.13
N ILE A 266 -11.92 -27.21 25.88
CA ILE A 266 -13.23 -26.76 25.42
C ILE A 266 -14.22 -27.92 25.25
N LYS A 267 -13.74 -29.18 25.36
CA LYS A 267 -14.52 -30.43 25.20
C LYS A 267 -15.21 -30.50 23.84
N ARG A 268 -14.53 -29.99 22.81
CA ARG A 268 -15.00 -30.03 21.43
C ARG A 268 -13.79 -29.84 20.53
N ALA A 269 -13.97 -30.16 19.25
CA ALA A 269 -12.92 -29.92 18.27
C ALA A 269 -13.07 -28.52 17.70
N PRO A 270 -12.08 -27.65 17.82
CA PRO A 270 -12.23 -26.27 17.37
C PRO A 270 -12.01 -26.11 15.87
N VAL A 271 -12.42 -24.95 15.38
CA VAL A 271 -12.17 -24.52 14.01
C VAL A 271 -11.04 -23.50 14.06
N ILE A 272 -9.95 -23.75 13.33
CA ILE A 272 -8.80 -22.86 13.41
C ILE A 272 -8.97 -21.72 12.40
N TRP A 273 -9.38 -20.57 12.90
CA TRP A 273 -9.07 -19.28 12.29
C TRP A 273 -7.56 -19.20 12.14
N ASP A 274 -7.08 -19.11 10.91
CA ASP A 274 -5.67 -19.28 10.62
C ASP A 274 -5.13 -18.00 10.02
N ASN A 275 -4.41 -17.22 10.82
CA ASN A 275 -3.84 -15.96 10.34
C ASN A 275 -2.41 -16.17 9.84
N ILE A 276 -2.22 -17.19 9.01
CA ILE A 276 -0.89 -17.48 8.47
C ILE A 276 -0.50 -16.45 7.42
N HIS A 277 -1.39 -16.13 6.49
CA HIS A 277 -1.14 -15.17 5.43
C HIS A 277 -1.84 -13.85 5.70
N ALA A 278 -2.12 -13.55 6.96
CA ALA A 278 -2.80 -12.30 7.30
C ALA A 278 -1.84 -11.12 7.12
N ASN A 279 -2.37 -10.03 6.58
CA ASN A 279 -1.55 -8.92 6.14
C ASN A 279 -1.77 -7.65 6.94
N ASP A 280 -2.73 -7.65 7.87
CA ASP A 280 -3.22 -6.41 8.46
C ASP A 280 -2.26 -5.78 9.45
N TYR A 281 -1.42 -6.56 10.12
CA TYR A 281 -0.52 -6.02 11.12
C TYR A 281 0.65 -5.27 10.49
N ASP A 282 1.08 -5.69 9.30
CA ASP A 282 2.24 -5.10 8.62
C ASP A 282 1.87 -4.89 7.16
N GLN A 283 1.57 -3.64 6.79
CA GLN A 283 1.14 -3.37 5.43
C GLN A 283 2.30 -3.19 4.46
N LYS A 284 3.54 -3.24 4.93
CA LYS A 284 4.68 -3.27 4.03
C LYS A 284 5.01 -4.69 3.58
N ARG A 285 4.33 -5.69 4.13
CA ARG A 285 4.63 -7.09 3.86
C ARG A 285 3.51 -7.70 3.05
N LEU A 286 3.83 -8.83 2.41
CA LEU A 286 2.89 -9.60 1.61
C LEU A 286 3.34 -11.05 1.64
N PHE A 287 2.38 -11.98 1.62
CA PHE A 287 2.69 -13.40 1.80
C PHE A 287 2.07 -14.21 0.68
N LEU A 288 2.91 -14.98 0.00
CA LEU A 288 2.52 -15.79 -1.16
C LEU A 288 3.02 -17.21 -1.00
N GLY A 289 3.32 -17.62 0.21
CA GLY A 289 3.82 -18.94 0.45
C GLY A 289 2.71 -19.95 0.45
N PRO A 290 3.06 -21.22 0.54
CA PRO A 290 2.06 -22.27 0.57
C PRO A 290 1.52 -22.42 1.98
N TYR A 291 0.61 -23.36 2.13
CA TYR A 291 -0.03 -23.62 3.42
C TYR A 291 0.85 -24.58 4.19
N LYS A 292 1.87 -24.05 4.85
CA LYS A 292 2.78 -24.89 5.59
C LYS A 292 2.70 -24.56 7.08
N GLY A 293 3.37 -25.40 7.87
CA GLY A 293 3.30 -25.29 9.31
C GLY A 293 2.17 -26.04 9.96
N ARG A 294 1.37 -26.77 9.21
CA ARG A 294 0.23 -27.48 9.75
C ARG A 294 0.29 -28.93 9.27
N SER A 295 0.28 -29.86 10.21
CA SER A 295 0.37 -31.28 9.87
C SER A 295 -0.95 -31.77 9.31
N THR A 296 -0.87 -32.81 8.48
CA THR A 296 -2.04 -33.35 7.80
C THR A 296 -2.90 -34.22 8.72
N GLU A 297 -2.43 -34.53 9.92
CA GLU A 297 -3.20 -35.30 10.88
C GLU A 297 -4.12 -34.44 11.73
N LEU A 298 -4.13 -33.12 11.53
CA LEU A 298 -5.02 -32.25 12.27
C LEU A 298 -6.46 -32.28 11.77
N ILE A 299 -6.70 -32.85 10.59
CA ILE A 299 -8.05 -32.87 10.02
C ILE A 299 -9.05 -33.72 10.82
N PRO A 300 -8.74 -34.95 11.29
CA PRO A 300 -9.72 -35.61 12.17
C PRO A 300 -9.83 -35.02 13.57
N ARG A 301 -8.91 -34.16 13.99
CA ARG A 301 -8.98 -33.54 15.30
C ARG A 301 -9.57 -32.14 15.26
N LEU A 302 -10.04 -31.68 14.11
CA LEU A 302 -10.59 -30.36 13.95
C LEU A 302 -12.00 -30.43 13.39
N LYS A 303 -12.72 -29.33 13.53
CA LYS A 303 -14.00 -29.18 12.86
C LYS A 303 -13.89 -28.34 11.59
N GLY A 304 -12.91 -27.46 11.50
CA GLY A 304 -12.74 -26.66 10.30
C GLY A 304 -11.41 -25.97 10.28
N VAL A 305 -10.99 -25.58 9.07
CA VAL A 305 -9.84 -24.71 8.85
C VAL A 305 -10.31 -23.54 8.01
N LEU A 306 -10.20 -22.33 8.54
CA LEU A 306 -10.64 -21.13 7.84
C LEU A 306 -9.48 -20.15 7.77
N THR A 307 -8.94 -19.93 6.58
CA THR A 307 -7.74 -19.12 6.42
C THR A 307 -8.09 -17.65 6.22
N ASN A 308 -7.33 -16.79 6.89
CA ASN A 308 -7.50 -15.34 6.78
C ASN A 308 -6.40 -14.82 5.87
N PRO A 309 -6.69 -14.49 4.63
CA PRO A 309 -5.63 -14.16 3.68
C PRO A 309 -5.26 -12.70 3.70
N ASN A 310 -4.48 -12.27 2.70
CA ASN A 310 -4.00 -10.90 2.59
C ASN A 310 -5.17 -9.93 2.33
N CYS A 311 -4.91 -8.66 2.62
CA CYS A 311 -5.93 -7.62 2.42
C CYS A 311 -6.20 -7.35 0.95
N GLU A 312 -5.28 -7.70 0.07
CA GLU A 312 -5.46 -7.58 -1.36
C GLU A 312 -6.00 -8.90 -1.88
N PHE A 313 -7.07 -8.84 -2.67
CA PHE A 313 -7.76 -10.07 -3.06
C PHE A 313 -7.00 -10.85 -4.10
N GLU A 314 -6.36 -10.16 -5.04
CA GLU A 314 -5.72 -10.85 -6.16
C GLU A 314 -4.37 -11.47 -5.79
N ALA A 315 -3.86 -11.21 -4.59
CA ALA A 315 -2.66 -11.85 -4.09
C ALA A 315 -2.95 -13.17 -3.37
N ASN A 316 -4.20 -13.64 -3.40
CA ASN A 316 -4.65 -14.75 -2.57
C ASN A 316 -4.91 -16.02 -3.35
N TYR A 317 -4.34 -16.17 -4.53
CA TYR A 317 -4.55 -17.39 -5.29
C TYR A 317 -3.82 -18.56 -4.66
N VAL A 318 -2.56 -18.34 -4.30
CA VAL A 318 -1.72 -19.40 -3.73
C VAL A 318 -2.19 -19.74 -2.31
N ALA A 319 -2.52 -18.73 -1.50
CA ALA A 319 -2.89 -18.90 -0.10
C ALA A 319 -4.21 -19.63 0.11
N ILE A 320 -5.03 -19.74 -0.92
CA ILE A 320 -6.27 -20.50 -0.86
C ILE A 320 -6.15 -21.82 -1.63
N HIS A 321 -5.39 -21.82 -2.73
CA HIS A 321 -5.22 -23.05 -3.51
C HIS A 321 -4.39 -24.08 -2.77
N THR A 322 -3.36 -23.65 -2.03
CA THR A 322 -2.57 -24.61 -1.25
C THR A 322 -3.35 -25.14 -0.06
N LEU A 323 -4.26 -24.33 0.48
CA LEU A 323 -5.17 -24.82 1.51
C LEU A 323 -6.12 -25.87 0.94
N ALA A 324 -6.57 -25.67 -0.31
CA ALA A 324 -7.42 -26.66 -0.97
C ALA A 324 -6.66 -27.96 -1.24
N THR A 325 -5.38 -27.86 -1.62
CA THR A 325 -4.57 -29.05 -1.82
C THR A 325 -4.28 -29.75 -0.49
N TRP A 326 -4.12 -28.97 0.59
CA TRP A 326 -3.89 -29.52 1.91
C TRP A 326 -5.13 -30.23 2.44
N TYR A 327 -6.31 -29.69 2.15
CA TYR A 327 -7.55 -30.37 2.54
C TYR A 327 -7.80 -31.58 1.65
N LYS A 328 -7.30 -31.55 0.41
CA LYS A 328 -7.41 -32.72 -0.45
C LYS A 328 -6.43 -33.83 -0.10
N SER A 329 -5.51 -33.61 0.84
CA SER A 329 -4.55 -34.64 1.24
C SER A 329 -5.26 -35.79 1.95
N ASN A 330 -6.09 -35.48 2.94
CA ASN A 330 -6.86 -36.50 3.63
C ASN A 330 -8.12 -35.85 4.17
N MET A 331 -9.07 -36.69 4.54
CA MET A 331 -10.32 -36.22 5.12
C MET A 331 -10.77 -37.02 6.33
N ASN A 332 -10.16 -38.16 6.60
CA ASN A 332 -10.56 -39.03 7.70
C ASN A 332 -9.37 -39.88 8.12
N GLY A 333 -9.41 -40.37 9.37
CA GLY A 333 -8.42 -41.32 9.84
C GLY A 333 -7.41 -40.75 10.81
N VAL A 334 -7.62 -41.04 12.10
CA VAL A 334 -6.81 -40.65 13.27
C VAL A 334 -6.39 -39.16 13.31
N THR A 365 8.36 -34.04 6.13
CA THR A 365 7.98 -34.77 7.34
C THR A 365 6.49 -35.03 7.35
N ASP A 366 5.82 -34.66 6.26
CA ASP A 366 4.38 -34.80 6.13
C ASP A 366 4.04 -35.83 5.07
N VAL A 367 3.03 -36.65 5.35
CA VAL A 367 2.61 -37.72 4.45
C VAL A 367 1.43 -37.22 3.64
N LEU A 368 1.47 -37.47 2.33
CA LEU A 368 0.47 -37.11 1.31
C LEU A 368 0.26 -35.59 1.18
N TYR A 369 1.20 -34.78 1.65
CA TYR A 369 1.16 -33.35 1.41
C TYR A 369 2.59 -32.82 1.44
N SER A 370 2.98 -32.15 0.36
CA SER A 370 4.23 -31.42 0.31
C SER A 370 3.88 -29.97 0.05
N PRO A 371 4.35 -29.04 0.89
CA PRO A 371 4.08 -27.62 0.63
C PRO A 371 4.78 -27.07 -0.60
N GLN A 372 5.91 -27.65 -0.99
CA GLN A 372 6.59 -27.19 -2.21
C GLN A 372 5.82 -27.63 -3.46
N MET A 373 5.26 -28.85 -3.45
CA MET A 373 4.48 -29.31 -4.59
C MET A 373 3.14 -28.59 -4.69
N ALA A 374 2.54 -28.27 -3.54
CA ALA A 374 1.31 -27.49 -3.55
C ALA A 374 1.57 -26.05 -3.98
N LEU A 375 2.74 -25.52 -3.61
CA LEU A 375 3.15 -24.19 -4.07
C LEU A 375 3.39 -24.17 -5.57
N LYS A 376 4.00 -25.23 -6.11
CA LYS A 376 4.24 -25.33 -7.54
C LYS A 376 2.94 -25.46 -8.32
N LEU A 377 1.99 -26.24 -7.80
CA LEU A 377 0.68 -26.37 -8.44
C LEU A 377 -0.10 -25.05 -8.38
N ALA A 378 0.00 -24.34 -7.26
CA ALA A 378 -0.67 -23.04 -7.12
C ALA A 378 -0.08 -22.00 -8.06
N LEU A 379 1.24 -22.00 -8.23
CA LEU A 379 1.85 -21.03 -9.13
C LEU A 379 1.61 -21.40 -10.59
N THR A 380 1.48 -22.68 -10.90
CA THR A 380 1.14 -23.09 -12.26
C THR A 380 -0.29 -22.68 -12.64
N GLU A 381 -1.24 -22.91 -11.73
CA GLU A 381 -2.61 -22.47 -11.98
C GLU A 381 -2.73 -20.96 -11.96
N TRP A 382 -1.88 -20.28 -11.19
CA TRP A 382 -1.89 -18.83 -11.19
C TRP A 382 -1.27 -18.27 -12.46
N LEU A 383 -0.29 -18.95 -13.04
CA LEU A 383 0.24 -18.55 -14.34
C LEU A 383 -0.79 -18.75 -15.44
N GLN A 384 -1.61 -19.79 -15.32
CA GLN A 384 -2.72 -19.95 -16.25
C GLN A 384 -3.79 -18.88 -16.04
N GLU A 385 -3.95 -18.40 -14.80
CA GLU A 385 -4.83 -17.25 -14.54
C GLU A 385 -4.28 -15.98 -15.18
N PHE A 386 -2.95 -15.80 -15.11
CA PHE A 386 -2.29 -14.69 -15.79
C PHE A 386 -2.40 -14.78 -17.31
N GLY A 387 -2.41 -16.00 -17.86
CA GLY A 387 -2.44 -16.17 -19.30
C GLY A 387 -3.81 -16.08 -19.92
N VAL A 388 -4.86 -15.86 -19.12
CA VAL A 388 -6.22 -15.70 -19.62
C VAL A 388 -6.33 -14.41 -20.46
N PRO A 389 -5.79 -13.24 -20.07
CA PRO A 389 -5.57 -12.21 -21.10
C PRO A 389 -4.18 -12.24 -21.72
N HIS A 390 -3.24 -12.98 -21.14
CA HIS A 390 -1.87 -13.21 -21.61
C HIS A 390 -1.08 -11.91 -21.81
N GLN A 391 -0.81 -11.58 -23.07
CA GLN A 391 -0.11 -10.36 -23.44
C GLN A 391 -0.99 -9.35 -24.14
N TYR A 392 -2.00 -9.78 -24.89
CA TYR A 392 -2.88 -8.88 -25.61
C TYR A 392 -3.83 -8.18 -24.66
N SER A 393 -3.84 -6.84 -24.74
CA SER A 393 -4.71 -5.91 -23.99
C SER A 393 -4.67 -6.10 -22.47
N GLY A 424 7.55 -8.41 -22.47
CA GLY A 424 7.27 -9.83 -22.41
C GLY A 424 6.28 -10.19 -21.32
N SER A 425 5.67 -11.38 -21.45
CA SER A 425 4.70 -11.84 -20.47
C SER A 425 5.40 -12.49 -19.29
N VAL A 426 4.63 -12.78 -18.25
CA VAL A 426 5.16 -13.37 -17.04
C VAL A 426 5.32 -14.86 -17.24
N THR A 427 6.44 -15.41 -16.81
CA THR A 427 6.69 -16.84 -16.85
C THR A 427 6.57 -17.42 -15.44
N LEU A 428 6.61 -18.76 -15.36
CA LEU A 428 6.49 -19.47 -14.08
C LEU A 428 7.67 -19.20 -13.16
N GLU A 429 8.86 -19.01 -13.73
CA GLU A 429 10.04 -18.73 -12.93
C GLU A 429 9.97 -17.33 -12.33
N ASP A 430 9.33 -16.39 -13.02
CA ASP A 430 9.07 -15.07 -12.46
C ASP A 430 8.11 -15.14 -11.27
N LEU A 431 7.08 -16.00 -11.36
CA LEU A 431 6.17 -16.19 -10.25
C LEU A 431 6.85 -16.90 -9.08
N GLN A 432 7.75 -17.83 -9.36
CA GLN A 432 8.47 -18.51 -8.29
C GLN A 432 9.42 -17.57 -7.57
N LEU A 433 10.07 -16.67 -8.31
CA LEU A 433 10.89 -15.64 -7.68
C LEU A 433 10.04 -14.67 -6.88
N LEU A 434 8.84 -14.34 -7.38
CA LEU A 434 7.94 -13.43 -6.68
C LEU A 434 7.42 -14.04 -5.39
N ALA A 435 7.11 -15.33 -5.42
CA ALA A 435 6.68 -16.02 -4.21
C ALA A 435 7.82 -16.24 -3.23
N ASP A 436 9.05 -16.43 -3.73
CA ASP A 436 10.18 -16.58 -2.82
C ASP A 436 10.59 -15.26 -2.20
N LEU A 437 10.29 -14.14 -2.86
CA LEU A 437 10.59 -12.84 -2.26
C LEU A 437 9.58 -12.48 -1.18
N PHE A 438 8.33 -12.91 -1.34
CA PHE A 438 7.24 -12.62 -0.40
C PHE A 438 6.66 -13.95 0.03
N TYR A 439 7.15 -14.52 1.13
CA TYR A 439 6.84 -15.91 1.44
C TYR A 439 5.95 -16.07 2.68
N LEU A 440 6.42 -15.66 3.85
CA LEU A 440 5.77 -16.05 5.10
C LEU A 440 6.12 -15.02 6.16
N PRO A 441 5.30 -14.89 7.22
CA PRO A 441 5.68 -14.01 8.32
C PRO A 441 6.87 -14.49 9.13
N TYR A 442 7.21 -15.76 9.07
CA TYR A 442 8.34 -16.29 9.81
C TYR A 442 9.32 -17.04 8.92
N GLU A 443 9.24 -16.88 7.61
CA GLU A 443 10.15 -17.53 6.69
C GLU A 443 10.27 -16.69 5.43
N HIS A 444 11.34 -16.93 4.68
CA HIS A 444 11.50 -16.41 3.33
C HIS A 444 11.66 -17.59 2.39
N GLY A 445 11.74 -17.31 1.10
CA GLY A 445 11.89 -18.35 0.13
C GLY A 445 13.30 -18.89 0.07
N PRO A 446 13.51 -19.90 -0.77
CA PRO A 446 14.89 -20.33 -1.03
C PRO A 446 15.72 -19.28 -1.76
N LYS A 447 15.13 -18.61 -2.75
CA LYS A 447 15.84 -17.58 -3.51
C LYS A 447 16.06 -16.33 -2.67
N GLY A 448 15.07 -15.97 -1.85
CA GLY A 448 15.21 -14.80 -0.98
C GLY A 448 16.25 -15.01 0.11
N ALA A 449 16.30 -16.21 0.69
CA ALA A 449 17.32 -16.49 1.69
C ALA A 449 18.69 -16.65 1.07
N GLN A 450 18.76 -17.18 -0.17
CA GLN A 450 20.04 -17.26 -0.87
C GLN A 450 20.58 -15.88 -1.19
N MET A 451 19.70 -14.97 -1.63
CA MET A 451 20.08 -13.59 -1.87
C MET A 451 20.47 -12.88 -0.59
N LEU A 452 19.79 -13.21 0.51
CA LEU A 452 20.13 -12.68 1.82
C LEU A 452 21.51 -13.13 2.28
N ARG A 453 21.82 -14.42 2.15
CA ARG A 453 23.11 -14.91 2.62
C ARG A 453 24.24 -14.51 1.68
N GLU A 454 23.94 -14.30 0.39
CA GLU A 454 24.96 -13.79 -0.52
C GLU A 454 25.26 -12.33 -0.26
N PHE A 455 24.24 -11.53 0.08
CA PHE A 455 24.49 -10.13 0.42
C PHE A 455 25.18 -10.02 1.77
N GLN A 456 24.87 -10.91 2.71
CA GLN A 456 25.57 -10.91 3.98
C GLN A 456 27.01 -11.37 3.84
N TRP A 457 27.28 -12.28 2.90
CA TRP A 457 28.66 -12.66 2.59
C TRP A 457 29.41 -11.51 1.94
N LEU A 458 28.75 -10.83 0.99
CA LEU A 458 29.39 -9.73 0.27
C LEU A 458 29.63 -8.52 1.14
N ARG A 459 28.80 -8.30 2.15
CA ARG A 459 29.08 -7.20 3.07
C ARG A 459 29.90 -7.65 4.29
N ALA A 460 30.26 -8.93 4.37
CA ALA A 460 31.12 -9.37 5.46
C ALA A 460 32.57 -8.98 5.19
N ASN A 461 33.12 -9.51 4.11
CA ASN A 461 34.48 -9.24 3.67
C ASN A 461 34.55 -8.08 2.68
N SER A 462 33.63 -7.12 2.78
CA SER A 462 33.62 -5.96 1.89
C SER A 462 34.80 -5.03 2.18
N SER A 463 35.16 -4.91 3.46
CA SER A 463 36.19 -3.94 3.86
C SER A 463 37.58 -4.40 3.42
N VAL A 464 37.88 -5.67 3.65
CA VAL A 464 39.17 -6.24 3.26
C VAL A 464 38.88 -7.42 2.35
N VAL A 465 39.31 -7.34 1.11
CA VAL A 465 39.22 -8.44 0.16
C VAL A 465 40.59 -8.58 -0.50
N SER A 466 41.19 -9.76 -0.38
CA SER A 466 42.54 -9.98 -0.88
C SER A 466 42.56 -10.18 -2.38
N SER A 474 44.21 -12.28 -5.59
CA SER A 474 44.39 -13.71 -5.41
C SER A 474 43.09 -14.46 -5.68
N GLU A 475 42.92 -15.61 -5.02
CA GLU A 475 41.70 -16.39 -5.19
C GLU A 475 40.52 -15.73 -4.48
N LYS A 476 40.79 -14.96 -3.43
CA LYS A 476 39.74 -14.28 -2.66
C LYS A 476 39.06 -13.21 -3.49
N ILE A 477 39.84 -12.47 -4.29
CA ILE A 477 39.29 -11.49 -5.23
C ILE A 477 38.49 -12.18 -6.32
N GLU A 478 38.92 -13.38 -6.72
CA GLU A 478 38.23 -14.16 -7.76
C GLU A 478 36.87 -14.64 -7.29
N GLU A 479 36.80 -15.22 -6.09
CA GLU A 479 35.52 -15.70 -5.58
C GLU A 479 34.61 -14.54 -5.17
N TRP A 480 35.19 -13.42 -4.72
CA TRP A 480 34.39 -12.23 -4.40
C TRP A 480 33.75 -11.64 -5.65
N ARG A 481 34.52 -11.51 -6.74
CA ARG A 481 33.96 -10.96 -7.96
C ARG A 481 33.02 -11.93 -8.66
N SER A 482 33.24 -13.24 -8.51
CA SER A 482 32.31 -14.20 -9.09
C SER A 482 30.98 -14.22 -8.35
N ARG A 483 31.00 -14.13 -7.00
CA ARG A 483 29.74 -14.08 -6.28
C ARG A 483 29.07 -12.71 -6.42
N ALA A 484 29.85 -11.65 -6.66
CA ALA A 484 29.26 -10.36 -6.98
C ALA A 484 28.59 -10.38 -8.34
N ALA A 485 29.17 -11.10 -9.30
CA ALA A 485 28.54 -11.27 -10.61
C ALA A 485 27.27 -12.11 -10.52
N LYS A 486 27.27 -13.13 -9.65
CA LYS A 486 26.05 -13.91 -9.41
C LYS A 486 24.96 -13.07 -8.75
N PHE A 487 25.36 -12.16 -7.85
CA PHE A 487 24.41 -11.25 -7.22
C PHE A 487 23.84 -10.26 -8.24
N GLU A 488 24.67 -9.79 -9.18
CA GLU A 488 24.17 -8.91 -10.23
C GLU A 488 23.25 -9.65 -11.20
N GLU A 489 23.51 -10.94 -11.43
CA GLU A 489 22.59 -11.77 -12.21
C GLU A 489 21.24 -11.91 -11.52
N MET A 490 21.24 -12.09 -10.19
CA MET A 490 19.98 -12.17 -9.47
C MET A 490 19.24 -10.83 -9.42
N CYS A 491 19.98 -9.73 -9.37
CA CYS A 491 19.38 -8.40 -9.45
C CYS A 491 18.76 -8.15 -10.82
N GLY A 492 19.44 -8.60 -11.88
CA GLY A 492 18.85 -8.54 -13.21
C GLY A 492 17.65 -9.44 -13.37
N LEU A 493 17.62 -10.56 -12.65
CA LEU A 493 16.45 -11.42 -12.63
C LEU A 493 15.25 -10.73 -11.97
N VAL A 494 15.48 -9.98 -10.89
CA VAL A 494 14.34 -9.30 -10.28
C VAL A 494 13.92 -8.07 -11.12
N MET A 495 14.84 -7.48 -11.89
CA MET A 495 14.45 -6.39 -12.78
C MET A 495 13.62 -6.92 -13.94
N GLY A 496 14.04 -8.06 -14.50
CA GLY A 496 13.27 -8.70 -15.55
C GLY A 496 11.92 -9.20 -15.07
N MET A 497 11.85 -9.66 -13.81
CA MET A 497 10.60 -10.08 -13.21
C MET A 497 9.63 -8.93 -13.07
N PHE A 498 10.11 -7.77 -12.60
CA PHE A 498 9.22 -6.62 -12.46
C PHE A 498 8.80 -6.06 -13.82
N THR A 499 9.70 -6.07 -14.81
CA THR A 499 9.35 -5.54 -16.12
C THR A 499 8.39 -6.48 -16.86
N ARG A 500 8.57 -7.80 -16.72
CA ARG A 500 7.64 -8.73 -17.34
C ARG A 500 6.30 -8.76 -16.60
N LEU A 501 6.31 -8.49 -15.29
CA LEU A 501 5.05 -8.45 -14.56
C LEU A 501 4.29 -7.17 -14.86
N SER A 502 4.99 -6.06 -15.08
CA SER A 502 4.32 -4.81 -15.41
C SER A 502 3.84 -4.78 -16.85
N ASN A 503 4.32 -5.70 -17.68
CA ASN A 503 3.87 -5.82 -19.06
C ASN A 503 2.75 -6.84 -19.21
N CYS A 504 2.20 -7.35 -18.10
CA CYS A 504 1.13 -8.33 -18.18
C CYS A 504 -0.18 -7.66 -18.53
N ALA A 505 -1.13 -8.47 -19.02
CA ALA A 505 -2.42 -7.97 -19.47
C ALA A 505 -3.51 -8.08 -18.42
N ASN A 506 -3.29 -8.83 -17.34
CA ASN A 506 -4.24 -8.86 -16.23
C ASN A 506 -3.91 -7.70 -15.31
N ARG A 507 -4.65 -6.60 -15.45
CA ARG A 507 -4.28 -5.36 -14.79
C ARG A 507 -4.62 -5.36 -13.31
N THR A 508 -5.64 -6.12 -12.90
CA THR A 508 -6.09 -6.10 -11.50
C THR A 508 -5.07 -6.74 -10.56
N ILE A 509 -4.44 -7.83 -11.02
CA ILE A 509 -3.40 -8.48 -10.23
C ILE A 509 -2.17 -7.60 -10.13
N LEU A 510 -1.88 -6.83 -11.18
CA LEU A 510 -0.77 -5.89 -11.14
C LEU A 510 -1.06 -4.73 -10.17
N TYR A 511 -2.30 -4.22 -10.19
CA TYR A 511 -2.63 -3.10 -9.33
C TYR A 511 -2.74 -3.51 -7.86
N ASP A 512 -3.02 -4.79 -7.60
CA ASP A 512 -3.14 -5.22 -6.22
C ASP A 512 -1.78 -5.35 -5.53
N MET A 513 -0.71 -5.60 -6.29
CA MET A 513 0.60 -5.80 -5.67
C MET A 513 1.65 -4.85 -6.26
N TYR A 514 1.24 -3.68 -6.73
CA TYR A 514 2.21 -2.79 -7.38
C TYR A 514 3.14 -2.11 -6.38
N SER A 515 2.65 -1.85 -5.17
CA SER A 515 3.47 -1.20 -4.15
C SER A 515 4.59 -2.12 -3.66
N TYR A 516 4.32 -3.42 -3.56
CA TYR A 516 5.31 -4.34 -3.01
C TYR A 516 6.42 -4.64 -4.00
N VAL A 517 6.06 -4.89 -5.27
CA VAL A 517 7.08 -5.15 -6.26
C VAL A 517 7.81 -3.87 -6.63
N TRP A 518 7.12 -2.71 -6.55
CA TRP A 518 7.79 -1.43 -6.72
C TRP A 518 8.79 -1.14 -5.60
N ASP A 519 8.43 -1.50 -4.37
CA ASP A 519 9.34 -1.28 -3.24
C ASP A 519 10.54 -2.21 -3.30
N ILE A 520 10.34 -3.46 -3.71
CA ILE A 520 11.47 -4.38 -3.78
C ILE A 520 12.37 -4.04 -4.97
N LYS A 521 11.81 -3.46 -6.05
CA LYS A 521 12.64 -2.99 -7.15
C LYS A 521 13.43 -1.75 -6.76
N SER A 522 12.78 -0.81 -6.06
CA SER A 522 13.44 0.41 -5.63
C SER A 522 14.47 0.17 -4.54
N ILE A 523 14.37 -0.93 -3.79
CA ILE A 523 15.42 -1.27 -2.85
C ILE A 523 16.56 -1.99 -3.55
N MET A 524 16.24 -2.98 -4.38
CA MET A 524 17.23 -3.81 -5.04
C MET A 524 18.06 -3.07 -6.08
N SER A 525 17.54 -1.96 -6.64
CA SER A 525 18.37 -1.12 -7.51
C SER A 525 19.52 -0.47 -6.75
N MET A 526 19.23 0.05 -5.55
CA MET A 526 20.27 0.68 -4.74
C MET A 526 21.21 -0.36 -4.14
N VAL A 527 20.70 -1.57 -3.89
CA VAL A 527 21.56 -2.66 -3.44
C VAL A 527 22.51 -3.11 -4.56
N LYS A 528 22.00 -3.16 -5.81
CA LYS A 528 22.85 -3.43 -6.97
C LYS A 528 23.90 -2.34 -7.16
N SER A 529 23.52 -1.07 -6.91
CA SER A 529 24.45 0.04 -6.99
C SER A 529 25.54 -0.04 -5.92
N PHE A 530 25.19 -0.49 -4.71
CA PHE A 530 26.21 -0.62 -3.68
C PHE A 530 27.11 -1.82 -3.89
N VAL A 531 26.62 -2.88 -4.53
CA VAL A 531 27.51 -3.99 -4.89
C VAL A 531 28.46 -3.57 -6.02
N GLN A 532 27.99 -2.75 -6.96
CA GLN A 532 28.89 -2.17 -7.96
C GLN A 532 29.88 -1.19 -7.35
N TRP A 533 29.45 -0.46 -6.31
CA TRP A 533 30.35 0.41 -5.57
C TRP A 533 31.40 -0.38 -4.81
N LEU A 534 31.02 -1.52 -4.23
CA LEU A 534 31.98 -2.37 -3.53
C LEU A 534 32.96 -3.03 -4.51
N GLY A 535 32.49 -3.36 -5.71
CA GLY A 535 33.38 -3.85 -6.75
C GLY A 535 34.37 -2.79 -7.22
N CYS A 536 33.93 -1.53 -7.23
CA CYS A 536 34.85 -0.43 -7.45
C CYS A 536 35.82 -0.24 -6.28
N ARG A 537 35.33 -0.37 -5.04
CA ARG A 537 36.09 0.00 -3.85
C ARG A 537 36.91 -1.15 -3.27
N SER A 538 36.87 -2.33 -3.91
CA SER A 538 37.81 -3.39 -3.56
C SER A 538 39.25 -2.98 -3.86
N HIS A 539 39.47 -2.33 -4.99
CA HIS A 539 40.74 -1.69 -5.31
C HIS A 539 40.64 -0.19 -5.03
N SER A 540 41.78 0.45 -4.90
CA SER A 540 41.85 1.88 -4.63
C SER A 540 41.63 2.64 -5.93
N SER A 541 40.37 2.96 -6.23
CA SER A 541 40.03 3.73 -7.42
C SER A 541 39.05 4.84 -7.10
N ALA A 542 39.37 5.65 -6.08
CA ALA A 542 38.65 6.83 -5.61
C ALA A 542 37.20 6.55 -5.24
N GLN A 543 36.28 7.38 -5.74
CA GLN A 543 34.82 7.29 -5.61
C GLN A 543 34.30 7.36 -4.17
N PHE A 544 32.98 7.30 -4.02
CA PHE A 544 32.34 7.33 -2.72
C PHE A 544 30.98 6.66 -2.84
N LEU A 545 30.47 6.14 -1.72
CA LEU A 545 29.14 5.55 -1.70
C LEU A 545 28.06 6.63 -1.83
N ILE A 546 28.36 7.85 -1.38
CA ILE A 546 27.48 8.99 -1.60
C ILE A 546 27.46 9.37 -3.07
N GLY A 547 28.61 9.27 -3.74
CA GLY A 547 28.69 9.60 -5.14
C GLY A 547 28.02 8.58 -6.05
N ASP A 548 27.91 7.33 -5.57
CA ASP A 548 27.18 6.32 -6.32
C ASP A 548 25.67 6.54 -6.21
N GLN A 549 25.14 6.55 -4.99
CA GLN A 549 23.74 6.83 -4.75
C GLN A 549 23.63 7.84 -3.62
N GLU A 550 22.62 8.69 -3.70
CA GLU A 550 22.39 9.68 -2.65
C GLU A 550 21.88 8.97 -1.40
N PRO A 551 22.52 9.18 -0.24
CA PRO A 551 22.09 8.53 1.02
C PRO A 551 20.88 9.22 1.64
N TRP A 552 19.71 8.82 1.16
CA TRP A 552 18.46 9.39 1.63
C TRP A 552 18.14 8.87 3.03
N ALA A 553 17.44 9.69 3.80
CA ALA A 553 17.12 9.36 5.18
C ALA A 553 15.64 9.63 5.43
N PHE A 554 14.81 9.23 4.48
CA PHE A 554 13.38 9.45 4.66
C PHE A 554 12.51 8.31 4.15
N ARG A 555 12.99 7.06 4.13
CA ARG A 555 12.13 5.94 3.79
C ARG A 555 11.12 5.69 4.90
N GLY A 556 9.86 5.49 4.53
CA GLY A 556 8.83 5.25 5.51
C GLY A 556 8.07 6.51 5.87
N GLY A 557 8.76 7.65 5.88
CA GLY A 557 8.13 8.90 6.25
C GLY A 557 7.85 8.98 7.73
N LEU A 558 8.92 9.08 8.53
CA LEU A 558 8.96 9.14 10.00
C LEU A 558 8.50 7.84 10.65
N ALA A 559 8.37 6.76 9.90
CA ALA A 559 8.18 5.43 10.45
C ALA A 559 9.41 4.57 10.29
N GLY A 560 10.06 4.65 9.13
CA GLY A 560 11.34 4.00 8.94
C GLY A 560 12.46 4.63 9.73
N GLU A 561 12.34 5.93 10.05
CA GLU A 561 13.33 6.58 10.91
C GLU A 561 13.28 6.05 12.33
N PHE A 562 12.07 5.90 12.88
CA PHE A 562 11.91 5.26 14.17
C PHE A 562 12.20 3.77 14.11
N GLN A 563 12.00 3.14 12.95
CA GLN A 563 12.31 1.73 12.79
C GLN A 563 13.82 1.48 12.79
N ARG A 564 14.58 2.33 12.11
CA ARG A 564 16.03 2.22 12.14
C ARG A 564 16.63 2.74 13.44
N LEU A 565 15.91 3.56 14.18
CA LEU A 565 16.34 3.95 15.51
C LEU A 565 15.80 3.03 16.61
N LEU A 566 15.55 1.76 16.29
CA LEU A 566 15.10 0.73 17.19
C LEU A 566 15.92 -0.54 16.98
N PRO A 567 16.27 -1.27 18.04
CA PRO A 567 17.27 -2.33 17.90
C PRO A 567 16.71 -3.62 17.31
N ILE A 568 17.56 -4.27 16.51
CA ILE A 568 17.27 -5.54 15.87
C ILE A 568 18.27 -6.56 16.41
N ASP A 569 18.17 -7.79 15.94
CA ASP A 569 19.08 -8.86 16.32
C ASP A 569 20.48 -8.64 15.75
N ARG B 54 -5.03 30.92 -20.60
CA ARG B 54 -3.86 31.66 -20.16
C ARG B 54 -2.88 30.78 -19.39
N PHE B 55 -3.16 30.62 -18.10
CA PHE B 55 -2.25 29.93 -17.19
C PHE B 55 -2.79 28.53 -16.90
N LEU B 56 -1.95 27.52 -17.13
CA LEU B 56 -2.36 26.12 -16.97
C LEU B 56 -2.07 25.64 -15.55
N CYS B 57 -2.87 26.11 -14.61
CA CYS B 57 -2.74 25.66 -13.23
C CYS B 57 -3.72 24.50 -12.99
N GLY B 58 -3.19 23.30 -12.81
CA GLY B 58 -4.03 22.14 -12.64
C GLY B 58 -3.31 20.93 -12.06
N VAL B 59 -3.84 19.73 -12.29
CA VAL B 59 -3.34 18.50 -11.70
C VAL B 59 -3.06 17.50 -12.81
N VAL B 60 -1.82 17.03 -12.88
CA VAL B 60 -1.47 15.94 -13.79
C VAL B 60 -1.63 14.63 -13.02
N GLU B 61 -2.47 13.74 -13.54
CA GLU B 61 -2.57 12.39 -12.98
C GLU B 61 -1.47 11.59 -13.66
N GLY B 62 -0.26 11.69 -13.15
CA GLY B 62 0.89 11.22 -13.89
C GLY B 62 1.87 10.32 -13.15
N PHE B 63 1.35 9.41 -12.33
CA PHE B 63 2.19 8.58 -11.49
C PHE B 63 2.19 7.13 -11.96
N TYR B 64 2.99 6.33 -11.27
CA TYR B 64 2.92 4.88 -11.38
C TYR B 64 1.98 4.33 -10.32
N GLY B 65 1.28 3.27 -10.64
CA GLY B 65 0.45 2.60 -9.67
C GLY B 65 -0.93 2.36 -10.24
N ARG B 66 -1.89 2.21 -9.36
CA ARG B 66 -3.27 2.05 -9.78
C ARG B 66 -3.80 3.40 -10.23
N PRO B 67 -4.25 3.54 -11.47
CA PRO B 67 -4.85 4.79 -11.91
C PRO B 67 -6.24 4.96 -11.30
N TRP B 68 -6.70 6.19 -11.30
CA TRP B 68 -7.97 6.50 -10.66
C TRP B 68 -9.13 6.03 -11.52
N VAL B 69 -10.26 5.77 -10.88
CA VAL B 69 -11.47 5.40 -11.59
C VAL B 69 -12.14 6.69 -12.06
N MET B 70 -13.17 6.56 -12.90
CA MET B 70 -13.75 7.73 -13.56
C MET B 70 -14.56 8.60 -12.60
N GLU B 71 -15.16 7.98 -11.58
CA GLU B 71 -16.01 8.74 -10.65
C GLU B 71 -15.19 9.63 -9.72
N GLN B 72 -14.05 9.15 -9.26
CA GLN B 72 -13.18 10.01 -8.48
C GLN B 72 -12.46 11.03 -9.34
N ARG B 73 -12.31 10.77 -10.65
CA ARG B 73 -11.86 11.83 -11.55
C ARG B 73 -12.90 12.92 -11.72
N LYS B 74 -14.18 12.55 -11.73
CA LYS B 74 -15.25 13.57 -11.75
C LYS B 74 -15.29 14.35 -10.44
N GLU B 75 -15.01 13.66 -9.33
CA GLU B 75 -14.88 14.34 -8.04
C GLU B 75 -13.69 15.29 -8.03
N LEU B 76 -12.60 14.88 -8.69
CA LEU B 76 -11.43 15.73 -8.86
C LEU B 76 -11.76 16.96 -9.70
N PHE B 77 -12.54 16.78 -10.76
CA PHE B 77 -12.98 17.90 -11.60
C PHE B 77 -13.88 18.86 -10.83
N ARG B 78 -14.73 18.32 -9.95
CA ARG B 78 -15.54 19.15 -9.06
C ARG B 78 -14.67 19.96 -8.10
N ARG B 79 -13.62 19.33 -7.57
CA ARG B 79 -12.72 20.03 -6.67
C ARG B 79 -11.91 21.10 -7.40
N LEU B 80 -11.52 20.82 -8.65
CA LEU B 80 -10.78 21.80 -9.43
C LEU B 80 -11.67 22.96 -9.87
N GLN B 81 -12.96 22.70 -10.09
CA GLN B 81 -13.88 23.79 -10.34
C GLN B 81 -14.12 24.60 -9.08
N LYS B 82 -14.12 23.95 -7.92
CA LYS B 82 -14.34 24.64 -6.66
C LYS B 82 -13.14 25.47 -6.22
N TRP B 83 -11.96 25.23 -6.78
CA TRP B 83 -10.75 25.90 -6.34
C TRP B 83 -10.13 26.77 -7.41
N GLU B 84 -10.86 27.05 -8.50
CA GLU B 84 -10.47 27.93 -9.61
C GLU B 84 -9.19 27.47 -10.31
N LEU B 85 -9.00 26.16 -10.38
CA LEU B 85 -8.02 25.58 -11.27
C LEU B 85 -8.71 25.18 -12.58
N ASN B 86 -7.91 25.00 -13.62
CA ASN B 86 -8.50 24.92 -14.95
C ASN B 86 -7.89 23.84 -15.83
N THR B 87 -7.10 22.93 -15.29
CA THR B 87 -6.40 21.99 -16.14
C THR B 87 -6.35 20.62 -15.51
N TYR B 88 -6.18 19.61 -16.36
CA TYR B 88 -6.02 18.23 -15.91
C TYR B 88 -5.27 17.49 -17.01
N LEU B 89 -4.06 17.03 -16.71
CA LEU B 89 -3.23 16.33 -17.68
C LEU B 89 -3.33 14.84 -17.41
N TYR B 90 -4.10 14.14 -18.24
CA TYR B 90 -4.33 12.71 -18.08
C TYR B 90 -3.15 11.96 -18.67
N ALA B 91 -2.32 11.38 -17.81
CA ALA B 91 -1.23 10.49 -18.27
C ALA B 91 -0.88 9.45 -17.21
N PRO B 92 -1.75 8.45 -16.99
CA PRO B 92 -1.38 7.43 -16.00
C PRO B 92 -0.43 6.41 -16.61
N LYS B 93 0.76 6.31 -16.03
CA LYS B 93 1.85 5.55 -16.65
C LYS B 93 1.65 4.05 -16.59
N ASP B 94 0.91 3.56 -15.60
CA ASP B 94 0.55 2.14 -15.58
C ASP B 94 -0.87 1.95 -16.11
N ASP B 95 -1.09 2.42 -17.34
CA ASP B 95 -2.30 2.16 -18.07
C ASP B 95 -1.94 1.44 -19.36
N TYR B 96 -2.72 0.41 -19.70
CA TYR B 96 -2.40 -0.48 -20.82
C TYR B 96 -2.85 0.09 -22.17
N LYS B 97 -3.38 1.29 -22.21
CA LYS B 97 -3.72 1.94 -23.46
C LYS B 97 -2.96 3.24 -23.68
N HIS B 98 -2.21 3.72 -22.69
CA HIS B 98 -1.60 5.04 -22.75
C HIS B 98 -0.08 4.94 -22.88
N ARG B 99 0.59 4.27 -21.94
CA ARG B 99 2.05 4.16 -22.01
C ARG B 99 2.45 2.97 -22.87
N MET B 100 2.15 1.76 -22.42
CA MET B 100 2.34 0.56 -23.20
C MET B 100 1.06 0.28 -23.97
N PHE B 101 1.23 -0.35 -25.15
CA PHE B 101 0.20 -0.61 -26.15
C PHE B 101 -0.57 0.65 -26.53
N TRP B 102 0.16 1.73 -26.75
CA TRP B 102 -0.46 3.00 -27.13
C TRP B 102 -1.02 2.96 -28.54
N ARG B 103 -0.49 2.09 -29.39
CA ARG B 103 -0.97 1.90 -30.75
C ARG B 103 -2.35 1.27 -30.81
N GLU B 104 -2.78 0.59 -29.75
CA GLU B 104 -4.08 -0.08 -29.76
C GLU B 104 -5.21 0.92 -29.66
N MET B 105 -6.23 0.74 -30.50
CA MET B 105 -7.42 1.56 -30.46
C MET B 105 -8.25 1.20 -29.24
N TYR B 106 -9.10 2.13 -28.83
CA TYR B 106 -9.96 1.92 -27.67
C TYR B 106 -11.05 0.91 -27.97
N SER B 107 -11.50 0.23 -26.91
CA SER B 107 -12.56 -0.74 -27.04
C SER B 107 -13.91 -0.05 -27.10
N VAL B 108 -14.97 -0.85 -27.30
CA VAL B 108 -16.32 -0.30 -27.46
C VAL B 108 -17.03 -0.11 -26.15
N GLU B 109 -16.35 -0.28 -25.01
CA GLU B 109 -16.93 -0.02 -23.71
C GLU B 109 -16.18 1.03 -22.90
N GLU B 110 -14.93 1.33 -23.24
CA GLU B 110 -14.17 2.37 -22.57
C GLU B 110 -14.15 3.67 -23.34
N ALA B 111 -14.57 3.63 -24.61
CA ALA B 111 -14.71 4.83 -25.42
C ALA B 111 -15.78 5.75 -24.85
N GLU B 112 -16.90 5.16 -24.39
CA GLU B 112 -17.95 5.96 -23.77
C GLU B 112 -17.53 6.45 -22.39
N GLN B 113 -16.67 5.69 -21.70
CA GLN B 113 -16.13 6.15 -20.42
C GLN B 113 -15.22 7.36 -20.61
N LEU B 114 -14.39 7.33 -21.64
CA LEU B 114 -13.56 8.49 -21.94
C LEU B 114 -14.40 9.66 -22.45
N MET B 115 -15.48 9.37 -23.18
CA MET B 115 -16.38 10.41 -23.66
C MET B 115 -17.10 11.11 -22.51
N THR B 116 -17.58 10.33 -21.53
CA THR B 116 -18.21 10.91 -20.36
C THR B 116 -17.21 11.62 -19.47
N LEU B 117 -15.96 11.16 -19.45
CA LEU B 117 -14.92 11.88 -18.70
C LEU B 117 -14.60 13.23 -19.33
N ILE B 118 -14.51 13.27 -20.66
CA ILE B 118 -14.26 14.53 -21.37
C ILE B 118 -15.45 15.48 -21.23
N SER B 119 -16.67 14.94 -21.30
CA SER B 119 -17.86 15.76 -21.11
C SER B 119 -18.01 16.25 -19.68
N ALA B 120 -17.59 15.44 -18.71
CA ALA B 120 -17.59 15.89 -17.32
C ALA B 120 -16.50 16.92 -17.07
N ALA B 121 -15.40 16.84 -17.81
CA ALA B 121 -14.40 17.89 -17.76
C ALA B 121 -14.93 19.19 -18.34
N ARG B 122 -15.65 19.11 -19.47
CA ARG B 122 -16.20 20.30 -20.09
C ARG B 122 -17.40 20.86 -19.34
N GLU B 123 -18.05 20.06 -18.49
CA GLU B 123 -19.12 20.57 -17.65
C GLU B 123 -18.58 21.52 -16.58
N TYR B 124 -17.41 21.22 -16.03
CA TYR B 124 -16.84 22.02 -14.95
C TYR B 124 -15.79 22.99 -15.44
N GLU B 125 -15.65 23.14 -16.76
CA GLU B 125 -14.71 24.05 -17.45
C GLU B 125 -13.26 23.76 -17.05
N ILE B 126 -12.88 22.50 -17.16
CA ILE B 126 -11.51 22.05 -16.94
C ILE B 126 -11.02 21.48 -18.26
N GLU B 127 -9.82 21.90 -18.67
CA GLU B 127 -9.25 21.44 -19.92
C GLU B 127 -8.71 20.02 -19.75
N PHE B 128 -9.37 19.07 -20.38
CA PHE B 128 -8.88 17.69 -20.41
C PHE B 128 -7.79 17.61 -21.45
N ILE B 129 -6.56 17.36 -21.01
CA ILE B 129 -5.43 17.16 -21.92
C ILE B 129 -5.16 15.67 -21.95
N TYR B 130 -5.53 15.01 -23.04
CA TYR B 130 -5.20 13.61 -23.22
C TYR B 130 -3.75 13.51 -23.64
N ALA B 131 -2.87 13.22 -22.69
CA ALA B 131 -1.48 12.96 -23.03
C ALA B 131 -1.35 11.53 -23.53
N ILE B 132 -0.32 11.31 -24.33
CA ILE B 132 -0.02 10.00 -24.88
C ILE B 132 1.49 9.80 -24.78
N SER B 133 1.91 8.60 -24.38
CA SER B 133 3.33 8.30 -24.19
C SER B 133 3.75 7.27 -25.23
N PRO B 134 4.26 7.70 -26.38
CA PRO B 134 4.63 6.73 -27.42
C PRO B 134 6.00 6.12 -27.20
N GLY B 135 6.79 6.61 -26.25
CA GLY B 135 8.18 6.24 -26.11
C GLY B 135 8.46 4.95 -25.35
N LEU B 136 8.07 3.83 -25.95
CA LEU B 136 8.57 2.52 -25.53
C LEU B 136 9.28 1.81 -26.68
N ASP B 137 8.63 1.68 -27.83
CA ASP B 137 9.21 1.04 -29.00
C ASP B 137 8.88 1.84 -30.25
N ILE B 138 8.91 3.16 -30.16
CA ILE B 138 8.52 4.02 -31.27
C ILE B 138 9.67 4.11 -32.26
N THR B 139 9.37 3.91 -33.55
CA THR B 139 10.29 4.24 -34.63
C THR B 139 9.86 5.58 -35.19
N PHE B 140 10.70 6.60 -35.02
CA PHE B 140 10.33 7.96 -35.41
C PHE B 140 10.31 8.13 -36.93
N SER B 141 11.24 7.49 -37.63
CA SER B 141 11.33 7.63 -39.08
C SER B 141 10.32 6.76 -39.82
N ASN B 142 9.65 5.83 -39.13
CA ASN B 142 8.66 4.97 -39.76
C ASN B 142 7.35 5.73 -39.88
N PRO B 143 6.85 5.98 -41.09
CA PRO B 143 5.62 6.79 -41.23
C PRO B 143 4.36 6.04 -40.87
N LYS B 144 4.38 4.70 -40.84
CA LYS B 144 3.19 3.96 -40.44
C LYS B 144 2.96 4.08 -38.93
N GLU B 145 4.03 4.20 -38.14
CA GLU B 145 3.89 4.47 -36.71
C GLU B 145 3.32 5.86 -36.48
N VAL B 146 3.71 6.83 -37.32
CA VAL B 146 3.16 8.17 -37.26
C VAL B 146 1.68 8.15 -37.66
N SER B 147 1.31 7.30 -38.62
CA SER B 147 -0.09 7.17 -39.02
C SER B 147 -0.93 6.50 -37.94
N THR B 148 -0.39 5.50 -37.25
CA THR B 148 -1.08 4.87 -36.13
C THR B 148 -1.25 5.85 -34.97
N LEU B 149 -0.23 6.67 -34.71
CA LEU B 149 -0.33 7.72 -33.69
C LEU B 149 -1.34 8.79 -34.08
N LYS B 150 -1.41 9.12 -35.37
CA LYS B 150 -2.37 10.09 -35.88
C LYS B 150 -3.80 9.58 -35.75
N ARG B 151 -4.02 8.30 -36.04
CA ARG B 151 -5.36 7.72 -35.89
C ARG B 151 -5.75 7.59 -34.42
N LYS B 152 -4.78 7.28 -33.56
CA LYS B 152 -5.03 7.17 -32.13
C LYS B 152 -5.38 8.51 -31.50
N LEU B 153 -4.66 9.57 -31.88
CA LEU B 153 -5.04 10.90 -31.41
C LEU B 153 -6.30 11.42 -32.09
N ASP B 154 -6.57 10.97 -33.32
CA ASP B 154 -7.75 11.45 -34.03
C ASP B 154 -9.02 10.86 -33.45
N GLN B 155 -8.96 9.63 -32.94
CA GLN B 155 -10.14 9.07 -32.30
C GLN B 155 -10.42 9.69 -30.93
N VAL B 156 -9.42 10.29 -30.28
CA VAL B 156 -9.68 11.07 -29.06
C VAL B 156 -10.15 12.46 -29.44
N SER B 157 -9.71 12.95 -30.60
CA SER B 157 -10.23 14.20 -31.14
C SER B 157 -11.70 14.06 -31.54
N GLN B 158 -12.13 12.86 -31.92
CA GLN B 158 -13.55 12.61 -32.16
C GLN B 158 -14.32 12.30 -30.89
N PHE B 159 -13.65 12.18 -29.74
CA PHE B 159 -14.33 11.99 -28.47
C PHE B 159 -14.66 13.31 -27.78
N GLY B 160 -14.35 14.44 -28.41
CA GLY B 160 -14.60 15.73 -27.83
C GLY B 160 -13.40 16.35 -27.14
N CYS B 161 -12.25 15.70 -27.17
CA CYS B 161 -11.04 16.25 -26.55
C CYS B 161 -10.41 17.27 -27.47
N ARG B 162 -9.96 18.39 -26.89
CA ARG B 162 -9.44 19.49 -27.66
C ARG B 162 -7.96 19.77 -27.40
N SER B 163 -7.41 19.28 -26.30
CA SER B 163 -6.02 19.50 -25.95
C SER B 163 -5.29 18.16 -25.91
N PHE B 164 -4.11 18.11 -26.50
CA PHE B 164 -3.37 16.86 -26.57
C PHE B 164 -1.94 17.13 -26.15
N ALA B 165 -1.26 16.07 -25.73
CA ALA B 165 0.10 16.22 -25.23
C ALA B 165 0.93 15.02 -25.63
N LEU B 166 2.19 15.26 -25.98
CA LEU B 166 3.14 14.20 -26.27
C LEU B 166 4.13 14.09 -25.12
N LEU B 167 4.25 12.89 -24.57
CA LEU B 167 5.01 12.64 -23.34
C LEU B 167 6.13 11.67 -23.64
N PHE B 168 7.35 12.02 -23.25
CA PHE B 168 8.55 11.28 -23.59
C PHE B 168 9.41 11.03 -22.37
N ASP B 169 8.79 10.54 -21.30
CA ASP B 169 9.54 10.24 -20.08
C ASP B 169 10.22 8.88 -20.18
N ASP B 170 11.46 8.83 -19.69
CA ASP B 170 12.27 7.61 -19.46
C ASP B 170 12.54 6.84 -20.75
N ILE B 171 12.81 7.58 -21.83
CA ILE B 171 13.08 7.01 -23.13
C ILE B 171 14.40 7.62 -23.63
N ASP B 172 15.30 7.90 -22.68
CA ASP B 172 16.54 8.63 -22.99
C ASP B 172 17.55 7.80 -23.79
N HIS B 173 17.32 6.50 -23.91
CA HIS B 173 18.03 5.67 -24.87
C HIS B 173 17.77 6.15 -26.29
N ASN B 174 18.82 6.20 -27.10
CA ASN B 174 18.79 6.77 -28.43
C ASN B 174 18.06 5.85 -29.41
N MET B 175 17.89 6.33 -30.64
CA MET B 175 17.30 5.53 -31.70
C MET B 175 18.31 4.53 -32.24
N CYS B 176 17.85 3.66 -33.13
CA CYS B 176 18.71 2.61 -33.67
C CYS B 176 18.42 2.41 -35.15
N ALA B 177 19.44 1.91 -35.85
CA ALA B 177 19.44 1.51 -37.28
C ALA B 177 19.12 2.74 -38.14
N ALA B 178 18.05 2.71 -38.95
CA ALA B 178 17.77 3.82 -39.85
C ALA B 178 17.14 5.00 -39.11
N ASP B 179 16.63 4.76 -37.90
CA ASP B 179 15.99 5.83 -37.14
C ASP B 179 17.01 6.82 -36.60
N LYS B 180 18.20 6.35 -36.23
CA LYS B 180 19.19 7.21 -35.61
C LYS B 180 19.96 8.06 -36.62
N GLU B 181 19.87 7.74 -37.91
CA GLU B 181 20.71 8.43 -38.89
C GLU B 181 19.92 9.44 -39.72
N VAL B 182 18.60 9.29 -39.78
CA VAL B 182 17.75 10.28 -40.44
C VAL B 182 17.76 11.58 -39.64
N PHE B 183 17.62 11.46 -38.33
CA PHE B 183 17.59 12.60 -37.43
C PHE B 183 18.98 12.81 -36.82
N SER B 184 19.39 14.07 -36.74
CA SER B 184 20.73 14.40 -36.24
C SER B 184 20.85 14.16 -34.75
N SER B 185 19.81 14.43 -33.98
CA SER B 185 19.80 14.17 -32.55
C SER B 185 18.47 13.52 -32.18
N PHE B 186 18.42 13.00 -30.96
CA PHE B 186 17.19 12.42 -30.45
C PHE B 186 16.12 13.48 -30.22
N ALA B 187 16.54 14.65 -29.75
CA ALA B 187 15.62 15.77 -29.56
C ALA B 187 15.10 16.31 -30.88
N HIS B 188 15.90 16.22 -31.94
CA HIS B 188 15.44 16.63 -33.27
C HIS B 188 14.33 15.71 -33.77
N ALA B 189 14.46 14.41 -33.52
CA ALA B 189 13.41 13.44 -33.84
C ALA B 189 12.14 13.70 -33.04
N GLN B 190 12.30 14.01 -31.75
CA GLN B 190 11.14 14.27 -30.91
C GLN B 190 10.41 15.55 -31.30
N VAL B 191 11.15 16.64 -31.57
CA VAL B 191 10.47 17.87 -31.96
C VAL B 191 9.96 17.81 -33.40
N SER B 192 10.52 16.95 -34.25
CA SER B 192 9.96 16.82 -35.59
C SER B 192 8.66 16.03 -35.57
N ILE B 193 8.57 14.98 -34.75
CA ILE B 193 7.28 14.28 -34.70
C ILE B 193 6.26 15.05 -33.86
N THR B 194 6.72 15.88 -32.91
CA THR B 194 5.80 16.75 -32.17
C THR B 194 5.25 17.86 -33.07
N ASN B 195 6.10 18.42 -33.94
CA ASN B 195 5.62 19.40 -34.91
C ASN B 195 4.72 18.77 -35.96
N GLU B 196 4.97 17.51 -36.33
CA GLU B 196 4.10 16.83 -37.28
C GLU B 196 2.73 16.52 -36.69
N ILE B 197 2.69 16.10 -35.42
CA ILE B 197 1.40 15.86 -34.76
C ILE B 197 0.69 17.19 -34.50
N TYR B 198 1.45 18.25 -34.16
CA TYR B 198 0.88 19.55 -33.85
C TYR B 198 0.30 20.23 -35.09
N GLN B 199 0.92 20.05 -36.25
CA GLN B 199 0.34 20.56 -37.48
C GLN B 199 -0.66 19.60 -38.10
N TYR B 200 -0.67 18.33 -37.67
CA TYR B 200 -1.71 17.42 -38.11
C TYR B 200 -3.04 17.76 -37.46
N LEU B 201 -3.01 18.23 -36.23
CA LEU B 201 -4.21 18.62 -35.50
C LEU B 201 -4.59 20.07 -35.74
N GLY B 202 -3.86 20.76 -36.61
CA GLY B 202 -4.19 22.12 -36.97
C GLY B 202 -3.98 23.13 -35.86
N GLU B 203 -2.88 22.99 -35.10
CA GLU B 203 -2.45 23.82 -33.99
C GLU B 203 -3.50 23.97 -32.90
N PRO B 204 -3.69 22.99 -32.02
CA PRO B 204 -4.55 23.18 -30.86
C PRO B 204 -4.00 24.22 -29.90
N GLU B 205 -4.91 24.76 -29.07
CA GLU B 205 -4.59 25.91 -28.25
C GLU B 205 -3.59 25.59 -27.16
N THR B 206 -3.72 24.42 -26.53
CA THR B 206 -2.79 23.99 -25.49
C THR B 206 -2.23 22.63 -25.86
N PHE B 207 -0.93 22.59 -26.12
CA PHE B 207 -0.22 21.36 -26.48
C PHE B 207 1.03 21.28 -25.61
N LEU B 208 1.28 20.12 -25.02
CA LEU B 208 2.33 19.97 -24.02
C LEU B 208 3.34 18.91 -24.47
N PHE B 209 4.59 19.32 -24.65
CA PHE B 209 5.68 18.42 -25.01
C PHE B 209 6.57 18.22 -23.80
N CYS B 210 6.58 17.00 -23.26
CA CYS B 210 7.46 16.71 -22.13
C CYS B 210 8.67 15.96 -22.63
N PRO B 211 9.88 16.50 -22.49
CA PRO B 211 11.06 15.81 -22.99
C PRO B 211 11.51 14.72 -22.02
N THR B 212 12.60 14.05 -22.38
CA THR B 212 13.21 13.16 -21.41
C THR B 212 14.22 13.90 -20.54
N GLU B 213 14.81 14.97 -21.06
CA GLU B 213 15.74 15.80 -20.31
C GLU B 213 14.94 16.95 -19.72
N TYR B 214 14.14 16.62 -18.72
CA TYR B 214 13.35 17.59 -17.97
C TYR B 214 13.90 17.87 -16.59
N CYS B 215 14.52 16.89 -15.94
CA CYS B 215 15.17 17.12 -14.66
C CYS B 215 16.46 17.87 -14.86
N GLY B 216 16.88 18.61 -13.83
CA GLY B 216 18.16 19.31 -13.89
C GLY B 216 19.34 18.38 -13.92
N THR B 217 19.24 17.22 -13.27
CA THR B 217 20.33 16.26 -13.36
C THR B 217 20.22 15.39 -14.60
N PHE B 218 19.06 15.41 -15.27
CA PHE B 218 18.93 14.65 -16.51
C PHE B 218 19.62 15.35 -17.66
N CYS B 219 19.61 16.69 -17.65
CA CYS B 219 20.23 17.45 -18.71
C CYS B 219 21.75 17.38 -18.60
N TYR B 220 22.40 17.00 -19.69
CA TYR B 220 23.82 16.76 -19.67
C TYR B 220 24.48 17.44 -20.86
N PRO B 221 25.52 18.25 -20.63
CA PRO B 221 25.99 18.75 -19.33
C PRO B 221 25.27 20.03 -18.94
N ASN B 222 25.14 20.26 -17.62
CA ASN B 222 24.56 21.44 -16.98
C ASN B 222 23.11 21.61 -17.46
N VAL B 223 22.69 22.80 -17.87
CA VAL B 223 21.37 23.02 -18.45
C VAL B 223 21.59 23.69 -19.81
N SER B 224 22.38 24.76 -19.80
CA SER B 224 22.63 25.53 -21.03
C SER B 224 23.56 24.78 -21.97
N GLN B 225 24.44 23.94 -21.42
CA GLN B 225 25.45 23.31 -22.26
C GLN B 225 24.93 22.02 -22.89
N SER B 226 23.72 21.60 -22.53
CA SER B 226 23.17 20.38 -23.11
C SER B 226 22.71 20.63 -24.53
N PRO B 227 22.98 19.71 -25.46
CA PRO B 227 22.48 19.88 -26.82
C PRO B 227 20.99 19.65 -26.95
N TYR B 228 20.41 18.87 -26.02
CA TYR B 228 19.00 18.51 -26.07
C TYR B 228 18.12 19.73 -25.87
N LEU B 229 18.46 20.57 -24.89
CA LEU B 229 17.63 21.73 -24.58
C LEU B 229 17.78 22.81 -25.64
N ARG B 230 18.94 22.87 -26.30
CA ARG B 230 19.12 23.79 -27.41
C ARG B 230 18.32 23.34 -28.64
N THR B 231 18.32 22.02 -28.92
CA THR B 231 17.54 21.49 -30.04
C THR B 231 16.04 21.66 -29.81
N VAL B 232 15.59 21.45 -28.56
CA VAL B 232 14.20 21.65 -28.19
C VAL B 232 13.83 23.13 -28.27
N GLY B 233 14.71 24.01 -27.79
CA GLY B 233 14.39 25.43 -27.82
C GLY B 233 14.48 26.07 -29.19
N GLU B 234 15.19 25.44 -30.12
CA GLU B 234 15.26 26.03 -31.45
C GLU B 234 14.27 25.40 -32.43
N LYS B 235 14.31 24.07 -32.56
CA LYS B 235 13.66 23.39 -33.68
C LYS B 235 12.22 22.97 -33.38
N LEU B 236 11.63 23.47 -32.31
CA LEU B 236 10.24 23.20 -31.98
C LEU B 236 9.42 24.47 -32.13
N LEU B 237 8.21 24.34 -32.69
CA LEU B 237 7.38 25.50 -32.96
C LEU B 237 6.84 26.10 -31.66
N PRO B 238 6.71 27.42 -31.57
CA PRO B 238 6.05 28.03 -30.42
C PRO B 238 4.56 27.74 -30.44
N GLY B 239 3.97 27.77 -29.26
CA GLY B 239 2.64 27.23 -29.05
C GLY B 239 2.62 25.81 -28.54
N ILE B 240 3.76 25.14 -28.51
CA ILE B 240 3.92 23.84 -27.89
C ILE B 240 4.72 24.07 -26.61
N GLU B 241 4.02 24.23 -25.49
CA GLU B 241 4.69 24.53 -24.23
C GLU B 241 5.33 23.27 -23.66
N VAL B 242 6.45 23.46 -22.96
CA VAL B 242 7.23 22.34 -22.47
C VAL B 242 6.93 22.09 -21.01
N LEU B 243 7.38 20.95 -20.50
CA LEU B 243 7.17 20.56 -19.11
C LEU B 243 8.52 20.40 -18.43
N TRP B 244 8.73 21.15 -17.35
CA TRP B 244 10.00 21.15 -16.64
C TRP B 244 9.76 20.89 -15.16
N THR B 245 10.33 19.81 -14.63
CA THR B 245 10.12 19.44 -13.24
C THR B 245 10.89 20.33 -12.26
N GLY B 246 12.18 20.53 -12.47
CA GLY B 246 12.95 21.40 -11.61
C GLY B 246 14.43 21.13 -11.78
N PRO B 247 15.25 21.63 -10.86
CA PRO B 247 16.66 21.21 -10.84
C PRO B 247 16.86 19.80 -10.33
N LYS B 248 15.86 19.23 -9.67
CA LYS B 248 15.86 17.82 -9.29
C LYS B 248 14.54 17.22 -9.74
N VAL B 249 14.44 15.89 -9.62
CA VAL B 249 13.21 15.24 -10.06
C VAL B 249 12.14 15.34 -8.99
N VAL B 250 12.50 15.65 -7.75
CA VAL B 250 11.51 15.84 -6.70
C VAL B 250 11.26 17.31 -6.42
N SER B 251 12.18 18.21 -6.82
CA SER B 251 12.03 19.67 -6.88
C SER B 251 11.70 20.25 -5.50
N LYS B 252 12.71 20.23 -4.63
CA LYS B 252 12.56 20.85 -3.31
C LYS B 252 12.36 22.35 -3.42
N GLU B 253 13.18 23.01 -4.25
CA GLU B 253 13.08 24.45 -4.44
C GLU B 253 13.36 24.73 -5.91
N ILE B 254 12.36 25.18 -6.63
CA ILE B 254 12.62 25.81 -7.93
C ILE B 254 12.89 27.29 -7.71
N PRO B 255 14.10 27.77 -7.93
CA PRO B 255 14.34 29.19 -7.76
C PRO B 255 13.99 29.96 -9.03
N VAL B 256 14.12 31.27 -8.98
CA VAL B 256 13.90 32.10 -10.17
C VAL B 256 15.00 31.84 -11.19
N GLU B 257 16.23 31.63 -10.72
CA GLU B 257 17.41 31.63 -11.58
C GLU B 257 17.49 30.37 -12.44
N SER B 258 17.02 29.24 -11.92
CA SER B 258 16.95 28.03 -12.74
C SER B 258 15.90 28.16 -13.83
N ILE B 259 14.80 28.86 -13.54
CA ILE B 259 13.77 29.12 -14.53
C ILE B 259 14.28 30.08 -15.60
N GLU B 260 15.10 31.06 -15.21
CA GLU B 260 15.72 31.96 -16.18
C GLU B 260 16.73 31.22 -17.05
N GLU B 261 17.50 30.30 -16.47
CA GLU B 261 18.48 29.54 -17.24
C GLU B 261 17.81 28.52 -18.16
N VAL B 262 16.60 28.08 -17.84
CA VAL B 262 15.87 27.26 -18.81
C VAL B 262 15.20 28.12 -19.88
N SER B 263 14.61 29.25 -19.47
CA SER B 263 13.88 30.12 -20.40
C SER B 263 14.79 30.83 -21.39
N LYS B 264 16.07 30.99 -21.08
CA LYS B 264 17.00 31.54 -22.06
C LYS B 264 17.40 30.51 -23.11
N ILE B 265 17.17 29.22 -22.87
CA ILE B 265 17.53 28.20 -23.84
C ILE B 265 16.31 27.57 -24.51
N ILE B 266 15.10 27.75 -23.95
CA ILE B 266 13.91 27.23 -24.63
C ILE B 266 13.12 28.32 -25.34
N LYS B 267 13.45 29.59 -25.11
CA LYS B 267 12.83 30.78 -25.72
C LYS B 267 11.33 30.87 -25.47
N ARG B 268 10.88 30.37 -24.32
CA ARG B 268 9.49 30.43 -23.90
C ARG B 268 9.46 30.31 -22.38
N ALA B 269 8.27 30.14 -21.83
CA ALA B 269 8.12 29.87 -20.41
C ALA B 269 7.64 28.44 -20.22
N PRO B 270 8.29 27.66 -19.37
CA PRO B 270 7.87 26.27 -19.17
C PRO B 270 6.73 26.13 -18.17
N VAL B 271 5.89 25.14 -18.43
CA VAL B 271 4.82 24.74 -17.51
C VAL B 271 5.45 23.76 -16.53
N ILE B 272 5.47 24.10 -15.25
CA ILE B 272 6.32 23.38 -14.32
C ILE B 272 5.59 22.14 -13.83
N TRP B 273 6.23 20.99 -14.00
CA TRP B 273 5.78 19.74 -13.38
C TRP B 273 6.18 19.76 -11.91
N ASP B 274 5.30 19.26 -11.04
CA ASP B 274 5.58 19.17 -9.62
C ASP B 274 5.51 17.72 -9.16
N ASN B 275 6.65 17.12 -8.89
CA ASN B 275 6.64 15.93 -8.04
C ASN B 275 6.92 16.31 -6.59
N ILE B 276 6.18 17.30 -6.09
CA ILE B 276 6.39 17.78 -4.74
C ILE B 276 5.51 17.02 -3.76
N HIS B 277 4.41 16.45 -4.22
CA HIS B 277 3.59 15.58 -3.40
C HIS B 277 3.39 14.21 -4.05
N ALA B 278 4.16 13.91 -5.08
CA ALA B 278 4.06 12.62 -5.75
C ALA B 278 4.80 11.58 -4.94
N ASN B 279 4.17 10.45 -4.70
CA ASN B 279 4.77 9.37 -3.93
C ASN B 279 4.99 8.12 -4.77
N ASP B 280 5.12 8.30 -6.08
CA ASP B 280 5.26 7.19 -7.00
C ASP B 280 6.65 6.56 -7.00
N TYR B 281 7.62 7.15 -6.31
CA TYR B 281 8.96 6.58 -6.27
C TYR B 281 9.18 5.63 -5.10
N ASP B 282 8.36 5.70 -4.05
CA ASP B 282 8.55 4.80 -2.91
C ASP B 282 7.29 4.06 -2.51
N GLN B 283 6.15 4.78 -2.56
CA GLN B 283 4.81 4.30 -2.18
C GLN B 283 4.75 3.77 -0.75
N LYS B 284 5.53 4.36 0.14
CA LYS B 284 5.53 3.98 1.54
C LYS B 284 5.22 5.17 2.45
N ARG B 285 4.96 6.34 1.88
CA ARG B 285 4.52 7.51 2.61
C ARG B 285 3.67 8.34 1.67
N LEU B 286 2.88 9.24 2.24
CA LEU B 286 2.17 10.25 1.47
C LEU B 286 2.58 11.61 1.97
N PHE B 287 2.05 12.65 1.34
CA PHE B 287 2.50 14.01 1.59
C PHE B 287 1.31 14.92 1.77
N LEU B 288 1.12 15.43 2.98
CA LEU B 288 0.03 16.34 3.30
C LEU B 288 0.55 17.73 3.63
N GLY B 289 1.68 18.12 3.09
CA GLY B 289 2.27 19.39 3.43
C GLY B 289 1.72 20.51 2.59
N PRO B 290 2.32 21.69 2.75
CA PRO B 290 1.91 22.83 1.94
C PRO B 290 2.62 22.84 0.59
N TYR B 291 2.46 23.94 -0.14
CA TYR B 291 3.17 24.14 -1.40
C TYR B 291 4.44 24.95 -1.15
N LYS B 292 5.26 24.42 -0.26
CA LYS B 292 6.47 25.06 0.18
C LYS B 292 7.54 24.88 -0.89
N GLY B 293 8.46 25.84 -0.96
CA GLY B 293 9.59 25.74 -1.85
C GLY B 293 9.43 26.43 -3.18
N ARG B 294 8.39 27.25 -3.34
CA ARG B 294 8.12 27.92 -4.59
C ARG B 294 7.90 29.40 -4.31
N SER B 295 8.60 30.26 -5.01
CA SER B 295 8.38 31.68 -4.84
C SER B 295 7.09 32.08 -5.52
N THR B 296 6.53 33.19 -5.05
CA THR B 296 5.27 33.68 -5.60
C THR B 296 5.48 34.35 -6.94
N GLU B 297 6.71 34.77 -7.24
CA GLU B 297 7.03 35.50 -8.45
C GLU B 297 7.23 34.60 -9.66
N LEU B 298 7.11 33.28 -9.50
CA LEU B 298 7.24 32.37 -10.63
C LEU B 298 6.04 32.42 -11.56
N ILE B 299 4.90 32.92 -11.09
CA ILE B 299 3.69 32.93 -11.93
C ILE B 299 3.79 33.82 -13.18
N PRO B 300 4.35 35.06 -13.13
CA PRO B 300 4.57 35.75 -14.43
C PRO B 300 5.67 35.16 -15.29
N ARG B 301 6.58 34.36 -14.73
CA ARG B 301 7.67 33.78 -15.50
C ARG B 301 7.36 32.39 -16.01
N LEU B 302 6.16 31.88 -15.75
CA LEU B 302 5.79 30.54 -16.15
C LEU B 302 4.57 30.61 -17.06
N LYS B 303 4.25 29.48 -17.66
CA LYS B 303 3.03 29.34 -18.43
C LYS B 303 1.97 28.51 -17.70
N GLY B 304 2.37 27.62 -16.80
CA GLY B 304 1.43 26.88 -15.99
C GLY B 304 2.17 26.19 -14.86
N VAL B 305 1.40 25.64 -13.93
CA VAL B 305 1.91 24.73 -12.90
C VAL B 305 0.98 23.53 -12.83
N LEU B 306 1.50 22.34 -13.11
CA LEU B 306 0.73 21.11 -12.99
C LEU B 306 1.30 20.28 -11.86
N THR B 307 0.44 19.83 -10.97
CA THR B 307 0.85 19.11 -9.76
C THR B 307 0.54 17.63 -9.91
N ASN B 308 1.56 16.80 -9.77
CA ASN B 308 1.37 15.35 -9.75
C ASN B 308 1.18 14.93 -8.31
N PRO B 309 -0.02 14.53 -7.89
CA PRO B 309 -0.29 14.27 -6.48
C PRO B 309 -0.01 12.81 -6.15
N ASN B 310 -0.41 12.43 -4.94
CA ASN B 310 -0.24 11.07 -4.45
C ASN B 310 -1.13 10.10 -5.23
N CYS B 311 -0.71 8.82 -5.22
CA CYS B 311 -1.45 7.79 -5.94
C CYS B 311 -2.76 7.46 -5.26
N GLU B 312 -2.85 7.71 -3.96
CA GLU B 312 -4.13 7.65 -3.26
C GLU B 312 -4.86 8.95 -3.51
N PHE B 313 -6.09 8.85 -4.02
CA PHE B 313 -6.81 10.03 -4.45
C PHE B 313 -7.30 10.86 -3.28
N GLU B 314 -7.75 10.20 -2.21
CA GLU B 314 -8.41 10.90 -1.11
C GLU B 314 -7.45 11.65 -0.21
N ALA B 315 -6.14 11.43 -0.37
CA ALA B 315 -5.12 12.17 0.36
C ALA B 315 -4.65 13.41 -0.38
N ASN B 316 -5.28 13.74 -1.50
CA ASN B 316 -4.83 14.84 -2.34
C ASN B 316 -5.61 16.12 -2.12
N TYR B 317 -6.42 16.21 -1.06
CA TYR B 317 -7.21 17.40 -0.81
C TYR B 317 -6.32 18.58 -0.43
N VAL B 318 -5.37 18.31 0.47
CA VAL B 318 -4.54 19.37 1.04
C VAL B 318 -3.55 19.91 0.02
N ALA B 319 -2.95 19.03 -0.80
CA ALA B 319 -1.91 19.45 -1.74
C ALA B 319 -2.49 20.26 -2.91
N ILE B 320 -3.62 19.81 -3.45
CA ILE B 320 -4.27 20.54 -4.52
C ILE B 320 -4.88 21.84 -3.99
N HIS B 321 -5.40 21.82 -2.76
CA HIS B 321 -5.95 23.05 -2.19
C HIS B 321 -4.87 24.06 -1.84
N THR B 322 -3.69 23.59 -1.42
CA THR B 322 -2.64 24.54 -1.10
C THR B 322 -1.97 25.07 -2.38
N LEU B 323 -2.02 24.28 -3.47
CA LEU B 323 -1.65 24.80 -4.78
C LEU B 323 -2.63 25.89 -5.22
N ALA B 324 -3.91 25.68 -4.94
CA ALA B 324 -4.95 26.65 -5.27
C ALA B 324 -4.79 27.94 -4.47
N THR B 325 -4.41 27.83 -3.21
CA THR B 325 -4.18 29.05 -2.43
C THR B 325 -2.85 29.70 -2.80
N TRP B 326 -1.94 28.93 -3.39
CA TRP B 326 -0.74 29.54 -3.94
C TRP B 326 -1.03 30.31 -5.22
N TYR B 327 -1.98 29.84 -6.03
CA TYR B 327 -2.19 30.48 -7.31
C TYR B 327 -3.29 31.54 -7.29
N LYS B 328 -4.53 31.14 -6.97
CA LYS B 328 -5.66 32.05 -7.10
C LYS B 328 -5.72 33.10 -6.01
N SER B 329 -4.97 32.93 -4.92
CA SER B 329 -4.95 33.91 -3.85
C SER B 329 -3.68 34.73 -3.85
N ASN B 330 -2.78 34.50 -4.80
CA ASN B 330 -1.47 35.13 -4.80
C ASN B 330 -1.00 35.27 -6.25
N MET B 331 -1.02 36.51 -6.75
CA MET B 331 -0.42 36.94 -8.02
C MET B 331 -0.99 36.19 -9.24
N ASN B 332 -2.29 36.41 -9.47
CA ASN B 332 -2.87 36.01 -10.75
C ASN B 332 -2.40 36.92 -11.87
N GLY B 333 -2.17 38.20 -11.55
CA GLY B 333 -1.64 39.14 -12.51
C GLY B 333 -0.14 38.99 -12.69
N VAL B 334 0.40 39.80 -13.59
CA VAL B 334 1.81 39.73 -13.99
C VAL B 334 2.60 40.79 -13.23
N ARG B 335 3.65 40.34 -12.53
CA ARG B 335 4.49 41.21 -11.70
C ARG B 335 5.95 40.84 -11.93
N LYS B 336 6.57 41.46 -12.93
CA LYS B 336 7.97 41.16 -13.22
C LYS B 336 8.89 42.14 -12.51
N VAL B 367 7.07 34.96 0.34
CA VAL B 367 7.21 36.41 0.35
C VAL B 367 5.82 37.04 0.53
N LEU B 368 4.86 36.58 -0.26
CA LEU B 368 3.46 36.95 -0.09
C LEU B 368 2.58 35.75 0.24
N TYR B 369 2.92 34.58 -0.30
CA TYR B 369 2.19 33.37 -0.01
C TYR B 369 2.72 32.74 1.27
N SER B 370 1.82 32.49 2.22
CA SER B 370 2.19 31.87 3.47
C SER B 370 1.84 30.40 3.40
N PRO B 371 2.82 29.49 3.43
CA PRO B 371 2.49 28.06 3.38
C PRO B 371 1.82 27.54 4.64
N GLN B 372 2.09 28.15 5.79
CA GLN B 372 1.49 27.71 7.05
C GLN B 372 0.01 28.01 7.11
N MET B 373 -0.38 29.22 6.72
CA MET B 373 -1.79 29.60 6.70
C MET B 373 -2.54 28.85 5.61
N ALA B 374 -1.85 28.54 4.51
CA ALA B 374 -2.44 27.71 3.47
C ALA B 374 -2.68 26.30 3.96
N LEU B 375 -1.76 25.77 4.77
CA LEU B 375 -1.95 24.46 5.38
C LEU B 375 -3.11 24.48 6.37
N LYS B 376 -3.25 25.56 7.14
CA LYS B 376 -4.37 25.68 8.09
C LYS B 376 -5.71 25.75 7.37
N LEU B 377 -5.78 26.49 6.25
CA LEU B 377 -7.00 26.55 5.46
C LEU B 377 -7.33 25.21 4.81
N ALA B 378 -6.30 24.50 4.33
CA ALA B 378 -6.51 23.19 3.73
C ALA B 378 -6.98 22.16 4.75
N LEU B 379 -6.43 22.21 5.96
CA LEU B 379 -6.86 21.31 7.01
C LEU B 379 -8.26 21.66 7.52
N THR B 380 -8.63 22.95 7.54
CA THR B 380 -9.98 23.34 7.91
C THR B 380 -11.01 22.84 6.90
N GLU B 381 -10.72 23.01 5.61
CA GLU B 381 -11.64 22.49 4.59
C GLU B 381 -11.64 20.96 4.54
N TRP B 382 -10.52 20.32 4.89
CA TRP B 382 -10.50 18.87 4.93
C TRP B 382 -11.25 18.32 6.13
N LEU B 383 -11.23 19.04 7.26
CA LEU B 383 -12.05 18.68 8.41
C LEU B 383 -13.54 18.84 8.08
N GLN B 384 -13.88 19.87 7.29
CA GLN B 384 -15.25 20.00 6.82
C GLN B 384 -15.64 18.88 5.84
N GLU B 385 -14.66 18.37 5.10
CA GLU B 385 -14.91 17.17 4.29
C GLU B 385 -15.12 15.94 5.15
N PHE B 386 -14.43 15.85 6.30
CA PHE B 386 -14.46 14.66 7.14
C PHE B 386 -15.78 14.42 7.87
N GLY B 387 -16.64 15.44 7.96
CA GLY B 387 -17.92 15.27 8.62
C GLY B 387 -18.91 14.45 7.82
N VAL B 388 -19.99 14.02 8.47
CA VAL B 388 -21.04 13.27 7.80
C VAL B 388 -21.88 14.19 6.93
N GLY B 423 -19.62 10.55 12.61
CA GLY B 423 -19.09 11.46 13.60
C GLY B 423 -18.07 10.80 14.52
N GLY B 424 -16.81 10.81 14.11
CA GLY B 424 -15.76 10.18 14.89
C GLY B 424 -14.96 11.14 15.74
N SER B 425 -15.49 12.37 15.87
CA SER B 425 -14.98 13.46 16.71
C SER B 425 -13.52 13.80 16.40
N VAL B 426 -13.17 13.79 15.12
CA VAL B 426 -11.84 14.21 14.69
C VAL B 426 -11.73 15.72 14.80
N THR B 427 -10.69 16.19 15.46
CA THR B 427 -10.47 17.61 15.65
C THR B 427 -9.35 18.07 14.74
N LEU B 428 -9.14 19.39 14.69
CA LEU B 428 -8.14 19.96 13.81
C LEU B 428 -6.72 19.69 14.31
N GLU B 429 -6.58 19.42 15.62
CA GLU B 429 -5.28 19.06 16.17
C GLU B 429 -4.83 17.69 15.67
N ASP B 430 -5.79 16.78 15.48
CA ASP B 430 -5.50 15.49 14.87
C ASP B 430 -5.03 15.63 13.42
N LEU B 431 -5.62 16.54 12.67
CA LEU B 431 -5.21 16.72 11.28
C LEU B 431 -3.89 17.47 11.16
N GLN B 432 -3.63 18.40 12.07
CA GLN B 432 -2.32 19.05 12.12
C GLN B 432 -1.23 18.04 12.49
N LEU B 433 -1.56 17.12 13.41
CA LEU B 433 -0.64 16.05 13.76
C LEU B 433 -0.45 15.07 12.60
N LEU B 434 -1.52 14.81 11.86
CA LEU B 434 -1.44 13.88 10.72
C LEU B 434 -0.62 14.47 9.58
N ALA B 435 -0.80 15.77 9.32
CA ALA B 435 -0.01 16.43 8.29
C ALA B 435 1.44 16.59 8.74
N ASP B 436 1.69 16.73 10.03
CA ASP B 436 3.07 16.78 10.50
C ASP B 436 3.73 15.41 10.47
N LEU B 437 2.95 14.33 10.58
CA LEU B 437 3.53 12.99 10.51
C LEU B 437 3.95 12.63 9.09
N PHE B 438 3.15 13.04 8.10
CA PHE B 438 3.44 12.82 6.69
C PHE B 438 3.42 14.19 6.02
N TYR B 439 4.59 14.80 5.85
CA TYR B 439 4.65 16.21 5.49
C TYR B 439 5.20 16.45 4.10
N LEU B 440 6.44 16.06 3.83
CA LEU B 440 7.12 16.46 2.62
C LEU B 440 8.08 15.35 2.22
N PRO B 441 8.55 15.34 0.97
CA PRO B 441 9.64 14.42 0.62
C PRO B 441 10.93 14.67 1.39
N TYR B 442 11.22 15.91 1.73
CA TYR B 442 12.47 16.24 2.42
C TYR B 442 12.21 16.66 3.86
N GLU B 443 11.39 17.69 4.06
CA GLU B 443 11.11 18.19 5.40
C GLU B 443 10.10 17.29 6.10
N HIS B 444 10.05 17.40 7.42
CA HIS B 444 8.97 16.83 8.22
C HIS B 444 8.21 17.96 8.91
N GLY B 445 7.19 17.60 9.66
CA GLY B 445 6.41 18.57 10.39
C GLY B 445 7.17 19.07 11.60
N PRO B 446 6.68 20.13 12.24
CA PRO B 446 7.30 20.57 13.50
C PRO B 446 7.08 19.59 14.64
N LYS B 447 5.89 19.01 14.75
CA LYS B 447 5.61 18.02 15.78
C LYS B 447 6.35 16.72 15.50
N GLY B 448 6.45 16.32 14.23
CA GLY B 448 7.16 15.11 13.88
C GLY B 448 8.65 15.21 14.11
N ALA B 449 9.24 16.35 13.76
CA ALA B 449 10.65 16.58 14.05
C ALA B 449 10.89 16.74 15.55
N GLN B 450 9.90 17.27 16.29
CA GLN B 450 9.98 17.35 17.74
C GLN B 450 9.99 15.96 18.37
N MET B 451 9.14 15.06 17.87
CA MET B 451 9.11 13.69 18.39
C MET B 451 10.38 12.94 18.03
N LEU B 452 10.92 13.17 16.83
CA LEU B 452 12.16 12.51 16.42
C LEU B 452 13.35 13.01 17.23
N ARG B 453 13.43 14.32 17.49
CA ARG B 453 14.55 14.84 18.26
C ARG B 453 14.43 14.48 19.74
N GLU B 454 13.20 14.34 20.25
CA GLU B 454 13.01 13.92 21.63
C GLU B 454 13.37 12.45 21.80
N PHE B 455 13.01 11.61 20.83
CA PHE B 455 13.34 10.19 20.89
C PHE B 455 14.83 9.94 20.74
N GLN B 456 15.51 10.69 19.86
CA GLN B 456 16.95 10.52 19.75
C GLN B 456 17.69 11.10 20.95
N TRP B 457 17.14 12.13 21.61
CA TRP B 457 17.73 12.62 22.85
C TRP B 457 17.59 11.59 23.97
N LEU B 458 16.43 10.93 24.05
CA LEU B 458 16.22 9.93 25.08
C LEU B 458 17.08 8.69 24.84
N ARG B 459 17.21 8.26 23.58
CA ARG B 459 18.07 7.12 23.31
C ARG B 459 19.55 7.48 23.36
N ALA B 460 19.90 8.76 23.33
CA ALA B 460 21.27 9.17 23.62
C ALA B 460 21.55 9.27 25.11
N ASN B 461 20.59 9.74 25.90
CA ASN B 461 20.81 10.00 27.32
C ASN B 461 20.14 8.99 28.23
N SER B 462 19.85 7.78 27.71
CA SER B 462 19.29 6.63 28.44
C SER B 462 19.88 6.33 29.82
N SER B 463 19.00 6.25 30.82
CA SER B 463 19.43 6.04 32.20
C SER B 463 19.89 4.61 32.42
N VAL B 464 20.97 4.45 33.18
CA VAL B 464 21.46 3.13 33.54
C VAL B 464 20.51 2.47 34.54
N VAL B 465 20.07 3.23 35.54
CA VAL B 465 19.18 2.72 36.59
C VAL B 465 18.12 3.79 36.84
N SER B 466 17.03 3.38 37.47
CA SER B 466 15.99 4.32 37.88
C SER B 466 16.19 4.70 39.34
N SER B 474 20.74 11.80 38.96
CA SER B 474 19.88 12.62 39.80
C SER B 474 19.19 13.73 39.00
N GLU B 475 20.00 14.69 38.52
CA GLU B 475 19.46 15.78 37.71
C GLU B 475 19.14 15.30 36.30
N LYS B 476 19.98 14.42 35.75
CA LYS B 476 19.82 13.94 34.38
C LYS B 476 18.60 13.03 34.25
N ILE B 477 18.40 12.15 35.23
CA ILE B 477 17.36 11.11 35.10
C ILE B 477 15.98 11.71 35.37
N GLU B 478 15.90 12.79 36.15
CA GLU B 478 14.63 13.45 36.41
C GLU B 478 14.12 14.19 35.17
N GLU B 479 15.02 14.93 34.52
CA GLU B 479 14.69 15.59 33.26
C GLU B 479 14.41 14.57 32.16
N TRP B 480 15.13 13.43 32.21
CA TRP B 480 14.90 12.32 31.30
C TRP B 480 13.50 11.74 31.47
N ARG B 481 13.05 11.58 32.72
CA ARG B 481 11.72 11.05 32.97
C ARG B 481 10.63 12.05 32.62
N SER B 482 10.91 13.36 32.78
CA SER B 482 9.95 14.39 32.38
C SER B 482 9.77 14.43 30.87
N ARG B 483 10.88 14.35 30.13
CA ARG B 483 10.80 14.32 28.68
C ARG B 483 10.22 13.00 28.18
N ALA B 484 10.43 11.91 28.92
CA ALA B 484 9.80 10.63 28.58
C ALA B 484 8.29 10.67 28.82
N ALA B 485 7.86 11.41 29.85
CA ALA B 485 6.44 11.57 30.12
C ALA B 485 5.75 12.39 29.03
N LYS B 486 6.42 13.45 28.58
CA LYS B 486 5.88 14.25 27.47
C LYS B 486 5.89 13.46 26.16
N PHE B 487 6.91 12.60 25.98
CA PHE B 487 7.01 11.75 24.80
C PHE B 487 5.90 10.71 24.77
N GLU B 488 5.60 10.10 25.91
CA GLU B 488 4.53 9.12 25.95
C GLU B 488 3.16 9.78 25.86
N GLU B 489 3.06 11.04 26.30
CA GLU B 489 1.83 11.81 26.13
C GLU B 489 1.56 12.10 24.65
N MET B 490 2.60 12.49 23.90
CA MET B 490 2.34 12.74 22.47
C MET B 490 2.23 11.45 21.67
N CYS B 491 2.82 10.35 22.16
CA CYS B 491 2.53 9.04 21.57
C CYS B 491 1.06 8.64 21.79
N GLY B 492 0.52 8.97 22.97
CA GLY B 492 -0.90 8.77 23.21
C GLY B 492 -1.77 9.67 22.36
N LEU B 493 -1.26 10.86 22.02
CA LEU B 493 -1.94 11.72 21.06
C LEU B 493 -1.97 11.10 19.66
N VAL B 494 -0.89 10.42 19.28
CA VAL B 494 -0.86 9.69 18.00
C VAL B 494 -1.89 8.56 18.00
N MET B 495 -1.99 7.83 19.12
CA MET B 495 -2.99 6.77 19.27
C MET B 495 -4.41 7.30 19.21
N GLY B 496 -4.64 8.46 19.85
CA GLY B 496 -5.95 9.08 19.81
C GLY B 496 -6.32 9.58 18.42
N MET B 497 -5.32 10.07 17.68
CA MET B 497 -5.53 10.50 16.29
C MET B 497 -5.92 9.32 15.41
N PHE B 498 -5.27 8.17 15.59
CA PHE B 498 -5.63 7.00 14.79
C PHE B 498 -7.00 6.46 15.16
N THR B 499 -7.31 6.42 16.47
CA THR B 499 -8.57 5.80 16.86
C THR B 499 -9.75 6.75 16.67
N ARG B 500 -9.48 8.05 16.46
CA ARG B 500 -10.55 8.94 16.05
C ARG B 500 -10.69 8.96 14.54
N LEU B 501 -9.58 8.76 13.81
CA LEU B 501 -9.65 8.71 12.36
C LEU B 501 -10.28 7.42 11.88
N SER B 502 -10.23 6.36 12.69
CA SER B 502 -10.85 5.10 12.30
C SER B 502 -12.37 5.14 12.45
N ASN B 503 -12.90 6.14 13.17
CA ASN B 503 -14.31 6.25 13.42
C ASN B 503 -15.01 7.25 12.51
N CYS B 504 -14.36 7.68 11.43
CA CYS B 504 -14.94 8.69 10.56
C CYS B 504 -16.05 8.09 9.70
N ALA B 505 -16.99 8.93 9.29
CA ALA B 505 -18.14 8.45 8.52
C ALA B 505 -17.76 8.14 7.07
N ASN B 506 -16.97 9.01 6.45
CA ASN B 506 -16.54 8.81 5.05
C ASN B 506 -15.45 7.75 5.03
N ARG B 507 -15.84 6.56 4.60
CA ARG B 507 -14.97 5.40 4.74
C ARG B 507 -13.86 5.36 3.70
N THR B 508 -14.06 6.02 2.56
CA THR B 508 -13.12 5.90 1.45
C THR B 508 -11.82 6.65 1.73
N ILE B 509 -11.93 7.78 2.43
CA ILE B 509 -10.76 8.55 2.84
C ILE B 509 -9.95 7.78 3.87
N LEU B 510 -10.64 7.01 4.71
CA LEU B 510 -9.97 6.13 5.65
C LEU B 510 -9.30 4.96 4.91
N TYR B 511 -9.97 4.43 3.88
CA TYR B 511 -9.44 3.24 3.20
C TYR B 511 -8.24 3.58 2.33
N ASP B 512 -8.12 4.83 1.90
CA ASP B 512 -6.98 5.21 1.08
C ASP B 512 -5.69 5.29 1.90
N MET B 513 -5.75 5.89 3.08
CA MET B 513 -4.55 6.13 3.87
C MET B 513 -4.44 5.22 5.08
N TYR B 514 -5.06 4.04 5.06
CA TYR B 514 -5.12 3.19 6.26
C TYR B 514 -3.76 2.56 6.56
N SER B 515 -2.98 2.26 5.52
CA SER B 515 -1.69 1.60 5.66
C SER B 515 -0.69 2.51 6.37
N TYR B 516 -0.70 3.79 6.04
CA TYR B 516 0.29 4.73 6.56
C TYR B 516 0.03 5.05 8.03
N VAL B 517 -1.24 5.29 8.37
CA VAL B 517 -1.59 5.59 9.76
C VAL B 517 -1.49 4.33 10.62
N TRP B 518 -1.76 3.16 10.04
CA TRP B 518 -1.56 1.90 10.75
C TRP B 518 -0.07 1.66 11.04
N ASP B 519 0.78 1.95 10.05
CA ASP B 519 2.21 1.78 10.19
C ASP B 519 2.78 2.71 11.26
N ILE B 520 2.33 3.97 11.25
CA ILE B 520 2.85 4.93 12.22
C ILE B 520 2.28 4.66 13.61
N LYS B 521 1.09 4.04 13.69
CA LYS B 521 0.50 3.67 14.97
C LYS B 521 1.27 2.52 15.61
N SER B 522 1.56 1.47 14.82
CA SER B 522 2.25 0.30 15.37
C SER B 522 3.71 0.62 15.69
N ILE B 523 4.35 1.44 14.86
CA ILE B 523 5.73 1.85 15.11
C ILE B 523 5.81 2.77 16.32
N MET B 524 4.79 3.63 16.51
CA MET B 524 4.75 4.50 17.69
C MET B 524 4.48 3.72 18.97
N SER B 525 3.69 2.65 18.89
CA SER B 525 3.43 1.84 20.08
C SER B 525 4.66 1.02 20.47
N MET B 526 5.40 0.52 19.47
CA MET B 526 6.64 -0.19 19.78
C MET B 526 7.71 0.76 20.30
N VAL B 527 7.72 2.01 19.82
CA VAL B 527 8.67 3.00 20.32
C VAL B 527 8.29 3.42 21.75
N LYS B 528 6.99 3.42 22.07
CA LYS B 528 6.57 3.73 23.44
C LYS B 528 6.94 2.60 24.40
N SER B 529 6.83 1.34 23.94
CA SER B 529 7.28 0.22 24.74
C SER B 529 8.79 0.21 24.93
N PHE B 530 9.53 0.68 23.93
CA PHE B 530 10.99 0.80 24.07
C PHE B 530 11.37 1.91 25.04
N VAL B 531 10.60 3.00 25.07
CA VAL B 531 10.83 4.06 26.06
C VAL B 531 10.49 3.55 27.46
N GLN B 532 9.45 2.71 27.58
CA GLN B 532 9.11 2.10 28.86
C GLN B 532 10.18 1.12 29.34
N TRP B 533 10.83 0.41 28.41
CA TRP B 533 11.99 -0.41 28.80
C TRP B 533 13.18 0.46 29.16
N LEU B 534 13.34 1.60 28.50
CA LEU B 534 14.48 2.48 28.79
C LEU B 534 14.32 3.17 30.14
N GLY B 535 13.09 3.30 30.62
CA GLY B 535 12.88 3.84 31.96
C GLY B 535 13.28 2.89 33.06
N CYS B 536 13.33 1.60 32.75
CA CYS B 536 13.68 0.54 33.70
C CYS B 536 14.70 -0.40 33.06
N ARG B 537 15.80 0.18 32.54
CA ARG B 537 16.80 -0.56 31.78
C ARG B 537 17.53 -1.59 32.63
N SER B 538 17.82 -1.25 33.89
CA SER B 538 18.50 -2.20 34.77
C SER B 538 17.56 -3.29 35.25
N HIS B 539 16.26 -3.01 35.31
CA HIS B 539 15.31 -3.97 35.86
C HIS B 539 14.86 -4.97 34.80
N SER B 540 14.35 -4.48 33.67
CA SER B 540 13.83 -5.31 32.60
C SER B 540 14.99 -5.92 31.80
N SER B 541 14.64 -6.90 30.96
CA SER B 541 15.62 -7.61 30.14
C SER B 541 15.03 -7.84 28.76
N ALA B 542 15.89 -8.36 27.87
CA ALA B 542 15.58 -8.70 26.46
C ALA B 542 15.04 -7.52 25.68
N GLN B 543 15.70 -6.36 25.87
CA GLN B 543 15.40 -5.06 25.26
C GLN B 543 13.97 -4.61 25.52
N PHE B 544 13.24 -4.25 24.45
CA PHE B 544 11.95 -3.59 24.55
C PHE B 544 10.86 -4.49 25.16
N LEU B 545 10.73 -5.70 24.63
CA LEU B 545 9.80 -6.74 25.04
C LEU B 545 10.19 -8.00 24.30
N ILE B 546 10.22 -9.13 25.02
CA ILE B 546 10.43 -10.43 24.38
C ILE B 546 9.03 -10.96 24.07
N GLY B 547 8.60 -10.72 22.84
CA GLY B 547 7.29 -11.12 22.38
C GLY B 547 7.34 -11.66 20.98
N ASP B 548 8.48 -12.29 20.64
CA ASP B 548 8.85 -12.81 19.33
C ASP B 548 8.78 -11.74 18.25
N GLN B 549 9.19 -10.52 18.58
CA GLN B 549 9.20 -9.39 17.67
C GLN B 549 10.48 -8.57 17.81
N GLU B 550 11.61 -9.24 17.91
CA GLU B 550 12.88 -8.51 17.87
C GLU B 550 13.27 -8.07 16.46
N PRO B 551 13.02 -8.84 15.35
CA PRO B 551 13.03 -8.19 14.03
C PRO B 551 11.68 -7.65 13.61
N TRP B 552 10.76 -7.52 14.58
CA TRP B 552 9.33 -7.25 14.39
C TRP B 552 8.71 -8.24 13.40
N ALA B 553 9.10 -9.52 13.57
CA ALA B 553 8.82 -10.64 12.67
C ALA B 553 9.20 -10.34 11.22
N PHE B 554 10.45 -9.87 11.05
CA PHE B 554 11.05 -9.45 9.77
C PHE B 554 10.24 -8.33 9.11
N ARG B 555 10.23 -7.17 9.76
CA ARG B 555 9.41 -6.04 9.30
C ARG B 555 9.96 -5.46 8.00
N GLY B 556 9.04 -5.18 7.09
CA GLY B 556 9.39 -4.73 5.76
C GLY B 556 9.67 -5.84 4.79
N GLY B 557 9.73 -7.09 5.26
CA GLY B 557 10.12 -8.20 4.42
C GLY B 557 11.56 -8.09 3.99
N LEU B 558 11.83 -8.57 2.78
CA LEU B 558 13.18 -8.48 2.23
C LEU B 558 13.55 -7.04 1.90
N ALA B 559 12.57 -6.21 1.56
CA ALA B 559 12.82 -4.79 1.33
C ALA B 559 13.28 -4.09 2.60
N GLY B 560 12.62 -4.38 3.72
CA GLY B 560 13.05 -3.82 4.99
C GLY B 560 14.39 -4.35 5.47
N GLU B 561 14.65 -5.64 5.22
CA GLU B 561 15.92 -6.23 5.64
C GLU B 561 17.09 -5.70 4.83
N PHE B 562 16.94 -5.59 3.51
CA PHE B 562 17.99 -5.03 2.67
C PHE B 562 18.11 -3.53 2.86
N GLN B 563 17.04 -2.85 3.26
CA GLN B 563 17.12 -1.43 3.57
C GLN B 563 17.88 -1.20 4.87
N ARG B 564 17.65 -2.04 5.87
CA ARG B 564 18.38 -1.91 7.12
C ARG B 564 19.83 -2.35 6.98
N LEU B 565 20.12 -3.24 6.02
CA LEU B 565 21.49 -3.62 5.77
C LEU B 565 22.22 -2.66 4.85
N LEU B 566 21.54 -1.65 4.33
CA LEU B 566 22.18 -0.65 3.50
C LEU B 566 22.90 0.37 4.37
N PRO B 567 24.17 0.67 4.10
CA PRO B 567 24.90 1.62 4.95
C PRO B 567 24.64 3.07 4.58
N ILE B 568 23.58 3.66 5.14
CA ILE B 568 23.30 5.07 4.90
C ILE B 568 24.24 5.95 5.72
N ASP B 569 24.19 5.82 7.04
CA ASP B 569 25.10 6.56 7.90
C ASP B 569 25.61 5.76 9.09
N GLY B 570 25.21 4.51 9.24
CA GLY B 570 25.64 3.70 10.37
C GLY B 570 26.90 2.91 10.08
N ALA B 571 26.88 2.13 9.00
CA ALA B 571 28.05 1.38 8.54
C ALA B 571 28.75 2.10 7.40
N ASN B 572 28.81 3.42 7.47
CA ASN B 572 29.25 4.27 6.36
C ASN B 572 30.74 4.54 6.42
N ASP B 573 31.51 3.45 6.45
CA ASP B 573 32.99 3.41 6.45
C ASP B 573 33.65 4.22 7.56
#